data_1GGQ
#
_entry.id   1GGQ
#
_cell.length_a   127.206
_cell.length_b   33.654
_cell.length_c   47.993
_cell.angle_alpha   84.04
_cell.angle_beta   81.55
_cell.angle_gamma   89.23
#
_symmetry.space_group_name_H-M   'P 1'
#
loop_
_entity.id
_entity.type
_entity.pdbx_description
1 polymer 'OUTER SURFACE PROTEIN C'
2 non-polymer 'MAGNESIUM ION'
3 water water
#
_entity_poly.entity_id   1
_entity_poly.type   'polypeptide(L)'
_entity_poly.pdbx_seq_one_letter_code
;MKGPNLTEISKKITDSNAVLLAVKEVEALLSSIDEIAAKAIGKKIHQNNGLDTENNHNGSLLAGAYAISTLIKQKLDGLK
NEGLKEKIDAAKKCSETFTNKLKEKHTDLGKEGVTDADAKEAILKTNGTKTKGAEELGKLFESVEVLSKAAKEMLANSVK
ELTSPVVAESPKKP
;
_entity_poly.pdbx_strand_id   A,B,C,D
#
loop_
_chem_comp.id
_chem_comp.type
_chem_comp.name
_chem_comp.formula
MG non-polymer 'MAGNESIUM ION' 'Mg 2'
#
# COMPACT_ATOMS: atom_id res chain seq x y z
N GLY A 3 57.37 35.95 -7.60
CA GLY A 3 56.81 36.03 -6.21
C GLY A 3 55.29 36.04 -6.19
N PRO A 4 54.66 35.08 -5.49
CA PRO A 4 53.20 35.00 -5.39
C PRO A 4 52.60 36.16 -4.61
N ASN A 5 51.53 36.75 -5.15
CA ASN A 5 50.85 37.87 -4.50
C ASN A 5 49.93 37.35 -3.39
N LEU A 6 50.49 37.15 -2.21
CA LEU A 6 49.75 36.63 -1.07
C LEU A 6 48.52 37.45 -0.65
N THR A 7 48.39 38.66 -1.18
CA THR A 7 47.24 39.49 -0.83
C THR A 7 45.99 39.09 -1.62
N GLU A 8 46.16 38.97 -2.93
CA GLU A 8 45.04 38.61 -3.80
C GLU A 8 44.73 37.12 -3.70
N ILE A 9 45.78 36.30 -3.64
CA ILE A 9 45.60 34.85 -3.56
C ILE A 9 44.80 34.48 -2.31
N SER A 10 44.98 35.26 -1.24
CA SER A 10 44.28 35.00 0.02
C SER A 10 42.78 35.23 -0.17
N LYS A 11 42.43 36.33 -0.83
CA LYS A 11 41.02 36.63 -1.06
C LYS A 11 40.47 35.68 -2.13
N LYS A 12 41.38 35.11 -2.92
CA LYS A 12 40.98 34.19 -3.97
C LYS A 12 40.60 32.85 -3.32
N ILE A 13 41.32 32.49 -2.25
CA ILE A 13 41.05 31.25 -1.53
C ILE A 13 39.78 31.41 -0.69
N THR A 14 39.68 32.54 0.01
CA THR A 14 38.52 32.82 0.84
C THR A 14 37.23 32.84 0.03
N ASP A 15 37.29 33.41 -1.17
CA ASP A 15 36.10 33.48 -2.01
C ASP A 15 35.68 32.15 -2.62
N SER A 16 36.62 31.46 -3.26
CA SER A 16 36.31 30.18 -3.87
C SER A 16 35.85 29.16 -2.82
N ASN A 17 36.37 29.30 -1.60
CA ASN A 17 36.00 28.38 -0.53
C ASN A 17 34.56 28.62 -0.09
N ALA A 18 34.13 29.88 -0.10
CA ALA A 18 32.77 30.23 0.29
C ALA A 18 31.80 29.61 -0.72
N VAL A 19 32.17 29.66 -1.99
CA VAL A 19 31.36 29.10 -3.04
C VAL A 19 31.22 27.59 -2.86
N LEU A 20 32.35 26.95 -2.55
CA LEU A 20 32.38 25.51 -2.35
C LEU A 20 31.43 25.09 -1.24
N LEU A 21 31.47 25.81 -0.13
CA LEU A 21 30.60 25.52 1.01
C LEU A 21 29.13 25.60 0.61
N ALA A 22 28.79 26.63 -0.15
CA ALA A 22 27.42 26.84 -0.61
C ALA A 22 26.97 25.67 -1.47
N VAL A 23 27.87 25.21 -2.33
CA VAL A 23 27.57 24.08 -3.20
C VAL A 23 27.49 22.81 -2.37
N LYS A 24 28.45 22.63 -1.47
CA LYS A 24 28.49 21.44 -0.61
C LYS A 24 27.21 21.29 0.23
N GLU A 25 26.63 22.42 0.64
CA GLU A 25 25.40 22.38 1.44
C GLU A 25 24.28 21.77 0.60
N VAL A 26 24.20 22.16 -0.66
CA VAL A 26 23.18 21.63 -1.57
C VAL A 26 23.43 20.13 -1.75
N GLU A 27 24.70 19.77 -1.81
CA GLU A 27 25.08 18.38 -2.00
C GLU A 27 24.59 17.60 -0.80
N ALA A 28 24.86 18.13 0.39
CA ALA A 28 24.43 17.49 1.63
C ALA A 28 22.92 17.37 1.70
N LEU A 29 22.18 18.42 1.30
CA LEU A 29 20.73 18.35 1.33
C LEU A 29 20.27 17.23 0.41
N LEU A 30 20.98 17.05 -0.70
CA LEU A 30 20.64 15.97 -1.62
C LEU A 30 20.90 14.63 -0.94
N SER A 31 21.94 14.56 -0.12
CA SER A 31 22.25 13.31 0.56
C SER A 31 21.12 12.93 1.51
N SER A 32 20.47 13.92 2.11
CA SER A 32 19.38 13.62 3.05
C SER A 32 18.17 13.01 2.33
N ILE A 33 17.93 13.40 1.08
CA ILE A 33 16.81 12.83 0.33
C ILE A 33 17.13 11.39 -0.02
N ASP A 34 18.40 11.11 -0.29
CA ASP A 34 18.83 9.75 -0.61
C ASP A 34 18.76 8.88 0.63
N GLU A 35 19.14 9.46 1.77
CA GLU A 35 19.13 8.73 3.03
C GLU A 35 17.72 8.30 3.39
N ILE A 36 16.75 9.22 3.32
CA ILE A 36 15.38 8.85 3.67
C ILE A 36 14.77 7.88 2.64
N ALA A 37 15.16 8.02 1.38
CA ALA A 37 14.66 7.14 0.32
C ALA A 37 15.11 5.71 0.55
N ALA A 38 16.40 5.54 0.82
CA ALA A 38 17.00 4.23 1.05
C ALA A 38 16.72 3.60 2.41
N LYS A 39 16.49 4.41 3.44
CA LYS A 39 16.28 3.87 4.79
C LYS A 39 14.92 4.05 5.42
N ALA A 40 14.17 5.08 5.05
CA ALA A 40 12.88 5.34 5.69
C ALA A 40 11.60 4.93 4.99
N ILE A 41 11.65 4.71 3.68
CA ILE A 41 10.45 4.29 2.97
C ILE A 41 9.90 3.00 3.59
N GLY A 42 8.60 2.97 3.85
CA GLY A 42 7.99 1.78 4.42
C GLY A 42 8.50 1.43 5.81
N LYS A 43 8.93 2.44 6.56
CA LYS A 43 9.45 2.22 7.90
C LYS A 43 8.70 3.06 8.94
N LYS A 44 9.04 2.82 10.20
CA LYS A 44 8.47 3.57 11.32
C LYS A 44 9.45 3.44 12.48
N ILE A 45 9.44 4.42 13.37
CA ILE A 45 10.34 4.39 14.51
C ILE A 45 10.01 3.18 15.38
N HIS A 46 11.06 2.52 15.86
CA HIS A 46 10.95 1.34 16.71
C HIS A 46 11.79 1.61 17.94
N GLN A 47 11.30 1.25 19.12
CA GLN A 47 12.05 1.52 20.34
C GLN A 47 13.43 0.88 20.47
N ASN A 48 13.63 -0.30 19.89
CA ASN A 48 14.93 -0.95 20.00
C ASN A 48 15.80 -0.91 18.73
N ASN A 49 15.20 -1.25 17.59
CA ASN A 49 15.95 -1.28 16.34
C ASN A 49 15.94 0.03 15.56
N GLY A 50 15.45 1.09 16.17
CA GLY A 50 15.40 2.37 15.50
C GLY A 50 14.29 2.40 14.47
N LEU A 51 14.45 1.61 13.40
CA LEU A 51 13.44 1.56 12.35
C LEU A 51 12.87 0.15 12.18
N ASP A 52 11.56 0.09 11.97
CA ASP A 52 10.85 -1.16 11.81
C ASP A 52 9.88 -1.06 10.62
N THR A 53 9.40 -2.20 10.14
CA THR A 53 8.49 -2.20 8.99
C THR A 53 7.12 -1.60 9.25
N GLU A 54 6.68 -0.77 8.31
CA GLU A 54 5.39 -0.10 8.33
C GLU A 54 5.18 0.32 6.87
N ASN A 55 4.60 -0.58 6.09
CA ASN A 55 4.38 -0.37 4.65
C ASN A 55 3.25 0.52 4.17
N ASN A 56 3.53 1.23 3.08
CA ASN A 56 2.59 2.07 2.36
C ASN A 56 1.90 3.27 3.01
N HIS A 57 2.63 4.03 3.82
CA HIS A 57 2.09 5.22 4.45
C HIS A 57 3.19 6.25 4.33
N ASN A 58 3.76 6.34 3.12
CA ASN A 58 4.87 7.23 2.84
C ASN A 58 4.53 8.65 2.45
N GLY A 59 3.28 9.07 2.67
CA GLY A 59 2.88 10.42 2.31
C GLY A 59 3.64 11.55 3.00
N SER A 60 3.72 11.51 4.34
CA SER A 60 4.41 12.57 5.05
C SER A 60 5.91 12.58 4.70
N LEU A 61 6.48 11.40 4.48
CA LEU A 61 7.88 11.30 4.14
C LEU A 61 8.14 12.01 2.81
N LEU A 62 7.24 11.80 1.84
CA LEU A 62 7.34 12.43 0.54
C LEU A 62 7.22 13.95 0.67
N ALA A 63 6.39 14.39 1.61
CA ALA A 63 6.18 15.83 1.84
C ALA A 63 7.53 16.40 2.21
N GLY A 64 8.20 15.70 3.13
CA GLY A 64 9.51 16.13 3.56
C GLY A 64 10.46 16.23 2.38
N ALA A 65 10.51 15.17 1.58
CA ALA A 65 11.38 15.15 0.41
C ALA A 65 11.07 16.35 -0.47
N TYR A 66 9.79 16.60 -0.71
CA TYR A 66 9.41 17.75 -1.52
C TYR A 66 9.94 19.04 -0.90
N ALA A 67 9.75 19.20 0.40
CA ALA A 67 10.18 20.38 1.13
C ALA A 67 11.68 20.59 1.02
N ILE A 68 12.43 19.48 1.07
CA ILE A 68 13.88 19.55 0.97
C ILE A 68 14.27 19.95 -0.46
N SER A 69 13.51 19.46 -1.45
CA SER A 69 13.81 19.80 -2.82
C SER A 69 13.62 21.30 -3.09
N THR A 70 12.54 21.89 -2.55
CA THR A 70 12.34 23.34 -2.78
C THR A 70 13.44 24.11 -2.06
N LEU A 71 13.87 23.62 -0.90
CA LEU A 71 14.95 24.28 -0.16
C LEU A 71 16.20 24.25 -1.02
N ILE A 72 16.43 23.11 -1.69
CA ILE A 72 17.59 22.96 -2.56
C ILE A 72 17.52 23.97 -3.68
N LYS A 73 16.32 24.13 -4.26
CA LYS A 73 16.12 25.07 -5.35
C LYS A 73 16.44 26.47 -4.85
N GLN A 74 16.00 26.75 -3.63
CA GLN A 74 16.22 28.03 -3.00
C GLN A 74 17.71 28.32 -2.86
N LYS A 75 18.47 27.32 -2.42
CA LYS A 75 19.91 27.48 -2.25
C LYS A 75 20.65 27.69 -3.57
N LEU A 76 20.25 26.95 -4.60
CA LEU A 76 20.90 27.09 -5.90
C LEU A 76 20.64 28.49 -6.48
N ASP A 77 19.43 29.01 -6.29
CA ASP A 77 19.09 30.34 -6.79
C ASP A 77 19.92 31.41 -6.09
N GLY A 78 20.40 31.08 -4.90
CA GLY A 78 21.21 32.02 -4.14
C GLY A 78 22.66 32.01 -4.57
N LEU A 79 23.05 31.02 -5.36
CA LEU A 79 24.43 30.92 -5.84
C LEU A 79 24.68 31.91 -6.96
N LYS A 80 25.67 32.76 -6.77
CA LYS A 80 26.05 33.75 -7.76
C LYS A 80 27.54 33.62 -8.01
N ASN A 81 27.91 33.29 -9.24
CA ASN A 81 29.32 33.13 -9.56
C ASN A 81 29.58 33.09 -11.06
N GLU A 82 30.26 34.13 -11.55
CA GLU A 82 30.62 34.27 -12.95
C GLU A 82 31.04 32.95 -13.61
N GLY A 83 32.11 32.36 -13.09
CA GLY A 83 32.65 31.14 -13.64
C GLY A 83 31.75 29.91 -13.64
N LEU A 84 31.08 29.66 -12.53
CA LEU A 84 30.22 28.49 -12.41
C LEU A 84 28.79 28.73 -12.90
N LYS A 85 28.50 29.94 -13.35
CA LYS A 85 27.15 30.29 -13.81
C LYS A 85 26.46 29.22 -14.64
N GLU A 86 27.08 28.78 -15.73
CA GLU A 86 26.47 27.78 -16.58
C GLU A 86 26.17 26.46 -15.87
N LYS A 87 27.08 26.02 -15.00
CA LYS A 87 26.86 24.77 -14.29
C LYS A 87 25.82 24.95 -13.19
N ILE A 88 25.64 26.18 -12.74
CA ILE A 88 24.65 26.50 -11.72
C ILE A 88 23.26 26.50 -12.35
N ASP A 89 23.13 27.13 -13.51
CA ASP A 89 21.85 27.19 -14.20
C ASP A 89 21.38 25.81 -14.63
N ALA A 90 22.33 24.90 -14.85
CA ALA A 90 21.99 23.54 -15.23
C ALA A 90 21.36 22.87 -14.01
N ALA A 91 21.98 23.04 -12.85
CA ALA A 91 21.48 22.47 -11.61
C ALA A 91 20.12 23.06 -11.26
N LYS A 92 19.97 24.36 -11.45
CA LYS A 92 18.71 25.03 -11.16
C LYS A 92 17.61 24.43 -12.03
N LYS A 93 17.92 24.23 -13.31
CA LYS A 93 16.96 23.67 -14.25
C LYS A 93 16.52 22.26 -13.81
N CYS A 94 17.49 21.39 -13.56
CA CYS A 94 17.19 20.03 -13.14
C CYS A 94 16.43 20.01 -11.83
N SER A 95 16.73 20.95 -10.95
CA SER A 95 16.06 21.04 -9.67
C SER A 95 14.56 21.26 -9.86
N GLU A 96 14.19 22.15 -10.78
CA GLU A 96 12.78 22.42 -11.05
C GLU A 96 12.10 21.21 -11.67
N THR A 97 12.80 20.56 -12.59
CA THR A 97 12.28 19.38 -13.24
C THR A 97 11.89 18.33 -12.21
N PHE A 98 12.79 18.09 -11.26
CA PHE A 98 12.54 17.12 -10.19
C PHE A 98 11.33 17.54 -9.35
N THR A 99 11.35 18.76 -8.83
CA THR A 99 10.25 19.27 -8.02
C THR A 99 8.93 19.22 -8.78
N ASN A 100 8.96 19.52 -10.06
CA ASN A 100 7.74 19.52 -10.87
C ASN A 100 7.22 18.12 -11.17
N LYS A 101 8.11 17.14 -11.24
CA LYS A 101 7.68 15.78 -11.51
C LYS A 101 6.89 15.27 -10.30
N LEU A 102 7.35 15.64 -9.11
CA LEU A 102 6.66 15.24 -7.88
C LEU A 102 5.24 15.80 -7.88
N LYS A 103 5.12 17.09 -8.17
CA LYS A 103 3.80 17.73 -8.21
C LYS A 103 2.94 17.03 -9.24
N GLU A 104 3.51 16.78 -10.42
CA GLU A 104 2.77 16.11 -11.49
C GLU A 104 2.20 14.78 -11.04
N LYS A 105 2.96 14.05 -10.22
CA LYS A 105 2.52 12.75 -9.74
C LYS A 105 1.71 12.82 -8.45
N HIS A 106 1.15 14.00 -8.19
CA HIS A 106 0.36 14.23 -6.98
C HIS A 106 -0.68 13.15 -6.67
N THR A 107 -1.24 12.53 -7.71
CA THR A 107 -2.27 11.50 -7.51
C THR A 107 -1.71 10.28 -6.79
N ASP A 108 -0.43 10.02 -7.01
CA ASP A 108 0.24 8.88 -6.39
C ASP A 108 1.04 9.25 -5.14
N LEU A 109 1.59 10.46 -5.12
CA LEU A 109 2.40 10.90 -4.00
C LEU A 109 1.73 11.93 -3.11
N GLY A 110 0.56 12.40 -3.52
CA GLY A 110 -0.14 13.41 -2.74
C GLY A 110 -1.25 12.92 -1.83
N LYS A 111 -0.89 12.04 -0.89
CA LYS A 111 -1.83 11.49 0.06
C LYS A 111 -1.01 10.78 1.12
N GLU A 112 -1.63 10.44 2.24
CA GLU A 112 -0.88 9.78 3.30
C GLU A 112 -0.51 8.34 2.95
N GLY A 113 -1.42 7.62 2.31
CA GLY A 113 -1.17 6.23 1.96
C GLY A 113 -0.36 5.99 0.70
N VAL A 114 0.82 6.60 0.59
CA VAL A 114 1.68 6.40 -0.58
C VAL A 114 2.38 5.03 -0.46
N THR A 115 2.25 4.19 -1.47
CA THR A 115 2.86 2.87 -1.44
C THR A 115 4.38 2.94 -1.48
N ASP A 116 5.05 1.93 -0.93
CA ASP A 116 6.50 1.90 -0.93
C ASP A 116 7.00 1.89 -2.38
N ALA A 117 6.27 1.18 -3.23
CA ALA A 117 6.61 1.07 -4.65
C ALA A 117 6.61 2.43 -5.33
N ASP A 118 5.57 3.23 -5.08
CA ASP A 118 5.49 4.55 -5.70
C ASP A 118 6.52 5.52 -5.11
N ALA A 119 6.77 5.41 -3.81
CA ALA A 119 7.74 6.28 -3.17
C ALA A 119 9.12 6.02 -3.76
N LYS A 120 9.44 4.76 -4.00
CA LYS A 120 10.73 4.41 -4.56
C LYS A 120 10.87 4.95 -5.98
N GLU A 121 9.77 5.04 -6.70
CA GLU A 121 9.82 5.56 -8.07
C GLU A 121 9.94 7.07 -8.09
N ALA A 122 9.75 7.70 -6.94
CA ALA A 122 9.82 9.16 -6.87
C ALA A 122 11.10 9.70 -6.26
N ILE A 123 11.63 9.01 -5.25
CA ILE A 123 12.83 9.51 -4.61
C ILE A 123 13.99 8.55 -4.41
N LEU A 124 13.90 7.33 -4.94
CA LEU A 124 15.00 6.37 -4.79
C LEU A 124 15.72 6.25 -6.13
N LYS A 125 16.81 7.01 -6.28
CA LYS A 125 17.55 7.04 -7.54
C LYS A 125 18.17 5.72 -8.02
N THR A 126 18.19 4.70 -7.17
CA THR A 126 18.77 3.43 -7.55
C THR A 126 17.72 2.35 -7.82
N ASN A 127 16.45 2.74 -7.73
CA ASN A 127 15.32 1.82 -7.94
C ASN A 127 15.21 1.36 -9.39
N GLY A 128 14.67 0.15 -9.60
CA GLY A 128 14.50 -0.38 -10.93
C GLY A 128 13.66 0.52 -11.82
N THR A 129 12.53 0.97 -11.29
CA THR A 129 11.66 1.87 -12.06
C THR A 129 11.76 3.26 -11.47
N LYS A 130 11.90 4.27 -12.31
CA LYS A 130 12.02 5.65 -11.85
C LYS A 130 11.04 6.60 -12.52
N THR A 131 9.81 6.17 -12.74
CA THR A 131 8.83 7.01 -13.42
C THR A 131 8.08 8.09 -12.61
N LYS A 132 8.37 8.24 -11.32
CA LYS A 132 7.68 9.25 -10.53
C LYS A 132 8.57 10.31 -9.88
N GLY A 133 9.75 10.53 -10.44
CA GLY A 133 10.62 11.54 -9.88
C GLY A 133 12.06 11.11 -9.71
N ALA A 134 12.28 9.81 -9.46
CA ALA A 134 13.62 9.29 -9.27
C ALA A 134 14.55 9.61 -10.44
N GLU A 135 14.06 9.46 -11.66
CA GLU A 135 14.86 9.74 -12.84
C GLU A 135 15.40 11.17 -12.77
N GLU A 136 14.50 12.11 -12.49
CA GLU A 136 14.87 13.52 -12.40
C GLU A 136 15.79 13.78 -11.21
N LEU A 137 15.61 13.02 -10.12
CA LEU A 137 16.46 13.20 -8.94
C LEU A 137 17.88 12.76 -9.31
N GLY A 138 17.97 11.71 -10.12
CA GLY A 138 19.27 11.21 -10.54
C GLY A 138 20.02 12.23 -11.38
N LYS A 139 19.34 12.89 -12.30
CA LYS A 139 19.96 13.91 -13.14
C LYS A 139 20.36 15.12 -12.30
N LEU A 140 19.54 15.46 -11.31
CA LEU A 140 19.83 16.59 -10.44
C LEU A 140 21.15 16.30 -9.72
N PHE A 141 21.28 15.09 -9.20
CA PHE A 141 22.50 14.70 -8.52
C PHE A 141 23.70 14.94 -9.42
N GLU A 142 23.58 14.49 -10.67
CA GLU A 142 24.63 14.62 -11.66
C GLU A 142 24.99 16.08 -11.90
N SER A 143 23.97 16.93 -12.01
CA SER A 143 24.18 18.36 -12.23
C SER A 143 24.95 19.00 -11.08
N VAL A 144 24.56 18.66 -9.86
CA VAL A 144 25.21 19.21 -8.69
C VAL A 144 26.63 18.66 -8.52
N GLU A 145 26.83 17.38 -8.82
CA GLU A 145 28.15 16.79 -8.71
C GLU A 145 29.12 17.45 -9.67
N VAL A 146 28.62 17.84 -10.84
CA VAL A 146 29.43 18.51 -11.84
C VAL A 146 29.81 19.90 -11.33
N LEU A 147 28.84 20.58 -10.71
CA LEU A 147 29.04 21.90 -10.14
C LEU A 147 30.03 21.79 -8.98
N SER A 148 29.91 20.69 -8.24
CA SER A 148 30.78 20.45 -7.10
C SER A 148 32.22 20.29 -7.58
N LYS A 149 32.41 19.49 -8.64
CA LYS A 149 33.73 19.25 -9.21
C LYS A 149 34.43 20.58 -9.52
N ALA A 150 33.80 21.36 -10.40
CA ALA A 150 34.33 22.66 -10.81
C ALA A 150 34.74 23.53 -9.63
N ALA A 151 33.79 23.78 -8.73
CA ALA A 151 34.03 24.61 -7.55
C ALA A 151 35.11 24.05 -6.64
N LYS A 152 35.25 22.73 -6.62
CA LYS A 152 36.26 22.09 -5.78
C LYS A 152 37.65 22.33 -6.34
N GLU A 153 37.73 22.43 -7.67
CA GLU A 153 39.00 22.65 -8.35
C GLU A 153 39.43 24.12 -8.31
N MET A 154 38.46 25.02 -8.45
CA MET A 154 38.77 26.44 -8.42
C MET A 154 39.45 26.81 -7.10
N LEU A 155 39.10 26.08 -6.04
CA LEU A 155 39.69 26.31 -4.73
C LEU A 155 41.10 25.76 -4.75
N ALA A 156 41.25 24.58 -5.36
CA ALA A 156 42.54 23.93 -5.47
C ALA A 156 43.51 24.81 -6.27
N ASN A 157 43.03 25.33 -7.41
CA ASN A 157 43.85 26.18 -8.25
C ASN A 157 44.31 27.44 -7.53
N SER A 158 43.43 27.99 -6.70
CA SER A 158 43.75 29.19 -5.96
C SER A 158 44.72 28.86 -4.83
N VAL A 159 44.68 27.63 -4.35
CA VAL A 159 45.57 27.20 -3.27
C VAL A 159 46.92 26.71 -3.80
N LYS A 160 46.96 26.37 -5.08
CA LYS A 160 48.19 25.89 -5.69
C LYS A 160 49.04 27.04 -6.20
N GLU A 161 48.53 28.26 -6.09
CA GLU A 161 49.26 29.44 -6.52
C GLU A 161 50.29 29.81 -5.46
N LEU A 162 50.13 29.24 -4.26
CA LEU A 162 51.04 29.49 -3.16
C LEU A 162 52.31 28.64 -3.27
N THR A 163 52.43 27.90 -4.36
CA THR A 163 53.60 27.05 -4.57
C THR A 163 53.91 26.81 -6.05
N SER A 164 53.44 27.69 -6.92
CA SER A 164 53.69 27.55 -8.35
C SER A 164 53.92 28.89 -9.04
N PRO B 4 57.13 33.96 5.44
CA PRO B 4 56.28 32.85 5.91
C PRO B 4 56.56 31.57 5.11
N ASN B 5 56.16 30.44 5.69
CA ASN B 5 56.37 29.14 5.05
C ASN B 5 55.14 28.73 4.22
N LEU B 6 55.12 29.17 2.97
CA LEU B 6 54.02 28.88 2.05
C LEU B 6 53.78 27.39 1.81
N THR B 7 54.69 26.55 2.27
CA THR B 7 54.54 25.12 2.09
C THR B 7 53.64 24.51 3.17
N GLU B 8 54.00 24.73 4.42
CA GLU B 8 53.24 24.20 5.54
C GLU B 8 51.87 24.87 5.67
N ILE B 9 51.83 26.18 5.44
CA ILE B 9 50.58 26.93 5.54
C ILE B 9 49.56 26.48 4.50
N SER B 10 50.05 25.97 3.37
CA SER B 10 49.17 25.49 2.30
C SER B 10 48.47 24.21 2.74
N LYS B 11 49.23 23.31 3.36
CA LYS B 11 48.68 22.05 3.83
C LYS B 11 47.88 22.31 5.11
N LYS B 12 48.09 23.47 5.71
CA LYS B 12 47.38 23.82 6.93
C LYS B 12 46.00 24.36 6.56
N ILE B 13 45.92 25.01 5.39
CA ILE B 13 44.66 25.55 4.90
C ILE B 13 43.83 24.40 4.33
N THR B 14 44.47 23.55 3.54
CA THR B 14 43.81 22.41 2.95
C THR B 14 43.19 21.51 4.01
N ASP B 15 43.96 21.25 5.07
CA ASP B 15 43.50 20.39 6.15
C ASP B 15 42.35 20.94 6.98
N SER B 16 42.47 22.19 7.42
CA SER B 16 41.40 22.78 8.24
C SER B 16 40.12 22.93 7.40
N ASN B 17 40.29 23.16 6.10
CA ASN B 17 39.16 23.32 5.20
C ASN B 17 38.40 22.00 5.07
N ALA B 18 39.15 20.92 4.96
CA ALA B 18 38.56 19.59 4.85
C ALA B 18 37.70 19.33 6.09
N VAL B 19 38.22 19.73 7.24
CA VAL B 19 37.50 19.54 8.51
C VAL B 19 36.22 20.37 8.50
N LEU B 20 36.34 21.63 8.10
CA LEU B 20 35.19 22.53 8.04
C LEU B 20 34.08 21.90 7.20
N LEU B 21 34.45 21.44 6.00
CA LEU B 21 33.49 20.82 5.09
C LEU B 21 32.76 19.66 5.75
N ALA B 22 33.50 18.82 6.45
CA ALA B 22 32.93 17.67 7.12
C ALA B 22 31.92 18.16 8.15
N VAL B 23 32.32 19.18 8.92
CA VAL B 23 31.44 19.73 9.95
C VAL B 23 30.22 20.40 9.33
N LYS B 24 30.45 21.08 8.22
CA LYS B 24 29.37 21.80 7.54
C LYS B 24 28.33 20.83 6.98
N GLU B 25 28.77 19.63 6.59
CA GLU B 25 27.85 18.63 6.06
C GLU B 25 26.86 18.22 7.15
N VAL B 26 27.36 18.02 8.35
CA VAL B 26 26.53 17.64 9.47
C VAL B 26 25.53 18.76 9.74
N GLU B 27 25.99 19.99 9.54
CA GLU B 27 25.16 21.17 9.76
C GLU B 27 23.99 21.18 8.77
N ALA B 28 24.28 20.91 7.50
CA ALA B 28 23.25 20.88 6.46
C ALA B 28 22.26 19.73 6.71
N LEU B 29 22.78 18.59 7.14
CA LEU B 29 21.92 17.45 7.43
C LEU B 29 20.94 17.88 8.50
N LEU B 30 21.42 18.67 9.45
CA LEU B 30 20.56 19.17 10.52
C LEU B 30 19.53 20.14 9.94
N SER B 31 19.95 20.95 8.97
CA SER B 31 19.03 21.90 8.34
C SER B 31 17.86 21.17 7.66
N SER B 32 18.11 19.99 7.09
CA SER B 32 17.03 19.26 6.43
C SER B 32 16.00 18.79 7.46
N ILE B 33 16.45 18.39 8.64
CA ILE B 33 15.48 17.97 9.67
C ILE B 33 14.65 19.19 10.08
N ASP B 34 15.28 20.36 10.15
CA ASP B 34 14.55 21.57 10.51
C ASP B 34 13.56 21.94 9.40
N GLU B 35 13.95 21.73 8.15
CA GLU B 35 13.08 22.07 7.03
C GLU B 35 11.85 21.21 7.01
N ILE B 36 11.99 19.89 7.14
CA ILE B 36 10.80 19.03 7.10
C ILE B 36 9.92 19.22 8.33
N ALA B 37 10.51 19.60 9.47
CA ALA B 37 9.71 19.82 10.67
C ALA B 37 8.84 21.06 10.51
N ALA B 38 9.43 22.11 9.94
CA ALA B 38 8.72 23.36 9.74
C ALA B 38 7.79 23.41 8.54
N LYS B 39 8.07 22.63 7.51
CA LYS B 39 7.25 22.66 6.30
C LYS B 39 6.44 21.42 5.96
N ALA B 40 6.90 20.24 6.38
CA ALA B 40 6.21 19.01 5.99
C ALA B 40 5.26 18.36 6.97
N ILE B 41 5.37 18.70 8.26
CA ILE B 41 4.47 18.10 9.22
C ILE B 41 3.02 18.43 8.86
N GLY B 42 2.18 17.41 8.84
CA GLY B 42 0.77 17.60 8.51
C GLY B 42 0.51 18.08 7.10
N LYS B 43 1.43 17.79 6.19
CA LYS B 43 1.29 18.19 4.79
C LYS B 43 1.29 17.00 3.85
N LYS B 44 1.10 17.28 2.57
CA LYS B 44 1.10 16.24 1.52
C LYS B 44 1.33 16.96 0.20
N ILE B 45 1.97 16.27 -0.75
CA ILE B 45 2.25 16.87 -2.04
C ILE B 45 0.94 17.29 -2.71
N HIS B 46 0.94 18.49 -3.26
CA HIS B 46 -0.21 19.08 -3.95
C HIS B 46 0.24 19.51 -5.36
N GLN B 47 -0.52 19.12 -6.38
CA GLN B 47 -0.14 19.42 -7.74
C GLN B 47 0.19 20.88 -8.10
N ASN B 48 -0.47 21.83 -7.46
CA ASN B 48 -0.22 23.23 -7.76
C ASN B 48 0.55 24.02 -6.72
N ASN B 49 0.21 23.83 -5.46
CA ASN B 49 0.87 24.55 -4.38
C ASN B 49 2.05 23.82 -3.75
N GLY B 50 2.40 22.66 -4.29
CA GLY B 50 3.51 21.91 -3.73
C GLY B 50 3.11 21.15 -2.48
N LEU B 51 2.73 21.87 -1.45
CA LEU B 51 2.30 21.25 -0.21
C LEU B 51 0.92 21.74 0.23
N ASP B 52 0.08 20.81 0.65
CA ASP B 52 -1.27 21.11 1.10
C ASP B 52 -1.51 20.37 2.43
N THR B 53 -2.64 20.65 3.08
CA THR B 53 -2.93 20.02 4.36
C THR B 53 -3.29 18.53 4.31
N GLU B 54 -2.78 17.79 5.29
CA GLU B 54 -3.00 16.36 5.45
C GLU B 54 -2.57 16.05 6.89
N ASN B 55 -3.52 16.17 7.81
CA ASN B 55 -3.27 15.97 9.23
C ASN B 55 -3.11 14.58 9.82
N ASN B 56 -2.18 14.51 10.78
CA ASN B 56 -1.87 13.32 11.58
C ASN B 56 -1.45 11.98 10.96
N HIS B 57 -0.58 12.03 9.96
CA HIS B 57 -0.07 10.82 9.32
C HIS B 57 1.41 11.07 9.09
N ASN B 58 2.06 11.57 10.14
CA ASN B 58 3.48 11.93 10.11
C ASN B 58 4.46 10.81 10.44
N GLY B 59 3.97 9.57 10.49
CA GLY B 59 4.84 8.46 10.81
C GLY B 59 6.05 8.27 9.88
N SER B 60 5.81 8.21 8.58
CA SER B 60 6.89 8.02 7.62
C SER B 60 7.85 9.21 7.67
N LEU B 61 7.31 10.41 7.90
CA LEU B 61 8.14 11.61 7.98
C LEU B 61 9.07 11.54 9.19
N LEU B 62 8.57 10.96 10.28
CA LEU B 62 9.39 10.83 11.48
C LEU B 62 10.49 9.83 11.19
N ALA B 63 10.12 8.75 10.51
CA ALA B 63 11.07 7.71 10.14
C ALA B 63 12.23 8.35 9.38
N GLY B 64 11.89 9.28 8.48
CA GLY B 64 12.92 9.95 7.72
C GLY B 64 13.82 10.72 8.65
N ALA B 65 13.22 11.50 9.54
CA ALA B 65 13.99 12.30 10.49
C ALA B 65 14.97 11.39 11.21
N TYR B 66 14.45 10.27 11.71
CA TYR B 66 15.28 9.31 12.43
C TYR B 66 16.48 8.85 11.58
N ALA B 67 16.20 8.48 10.34
CA ALA B 67 17.26 8.04 9.42
C ALA B 67 18.31 9.12 9.29
N ILE B 68 17.86 10.37 9.18
CA ILE B 68 18.79 11.47 9.06
C ILE B 68 19.62 11.67 10.32
N SER B 69 19.01 11.43 11.48
CA SER B 69 19.73 11.58 12.74
C SER B 69 20.82 10.52 12.87
N THR B 70 20.53 9.29 12.46
CA THR B 70 21.53 8.23 12.54
C THR B 70 22.65 8.53 11.53
N LEU B 71 22.30 9.17 10.42
CA LEU B 71 23.30 9.52 9.41
C LEU B 71 24.21 10.60 9.99
N ILE B 72 23.61 11.51 10.77
CA ILE B 72 24.34 12.60 11.40
C ILE B 72 25.32 12.03 12.42
N LYS B 73 24.85 11.06 13.20
CA LYS B 73 25.67 10.42 14.21
C LYS B 73 26.86 9.76 13.52
N GLN B 74 26.59 9.08 12.42
CA GLN B 74 27.61 8.41 11.63
C GLN B 74 28.68 9.42 11.19
N LYS B 75 28.24 10.55 10.65
CA LYS B 75 29.17 11.58 10.18
C LYS B 75 30.02 12.16 11.29
N LEU B 76 29.43 12.35 12.47
CA LEU B 76 30.17 12.90 13.60
C LEU B 76 31.23 11.91 14.08
N ASP B 77 30.88 10.62 14.10
CA ASP B 77 31.82 9.60 14.53
C ASP B 77 32.97 9.50 13.54
N GLY B 78 32.73 9.97 12.31
CA GLY B 78 33.77 9.93 11.31
C GLY B 78 34.76 11.07 11.44
N LEU B 79 34.42 12.07 12.24
CA LEU B 79 35.27 13.23 12.46
C LEU B 79 36.43 12.93 13.39
N LYS B 80 37.65 13.15 12.90
CA LYS B 80 38.85 12.92 13.69
C LYS B 80 39.71 14.17 13.64
N ASN B 81 39.84 14.85 14.78
CA ASN B 81 40.64 16.06 14.85
C ASN B 81 41.08 16.37 16.27
N GLU B 82 42.40 16.39 16.46
CA GLU B 82 43.00 16.69 17.75
C GLU B 82 42.33 17.87 18.45
N GLY B 83 42.46 19.04 17.86
CA GLY B 83 41.91 20.26 18.43
C GLY B 83 40.42 20.27 18.75
N LEU B 84 39.61 19.90 17.77
CA LEU B 84 38.16 19.91 17.95
C LEU B 84 37.60 18.70 18.69
N LYS B 85 38.47 17.76 19.03
CA LYS B 85 38.05 16.53 19.71
C LYS B 85 37.01 16.71 20.82
N GLU B 86 37.24 17.66 21.72
CA GLU B 86 36.31 17.87 22.80
C GLU B 86 34.94 18.36 22.34
N LYS B 87 34.93 19.21 21.33
CA LYS B 87 33.67 19.74 20.81
C LYS B 87 32.95 18.71 19.95
N ILE B 88 33.69 17.75 19.40
CA ILE B 88 33.11 16.70 18.58
C ILE B 88 32.39 15.70 19.48
N ASP B 89 33.04 15.31 20.58
CA ASP B 89 32.45 14.35 21.51
C ASP B 89 31.19 14.93 22.15
N ALA B 90 31.14 16.25 22.24
CA ALA B 90 29.98 16.92 22.82
C ALA B 90 28.80 16.76 21.86
N ALA B 91 29.09 16.91 20.56
CA ALA B 91 28.08 16.78 19.52
C ALA B 91 27.63 15.32 19.39
N LYS B 92 28.58 14.40 19.46
CA LYS B 92 28.27 12.97 19.37
C LYS B 92 27.33 12.59 20.51
N LYS B 93 27.60 13.14 21.69
CA LYS B 93 26.78 12.84 22.86
C LYS B 93 25.34 13.32 22.69
N CYS B 94 25.16 14.59 22.36
CA CYS B 94 23.83 15.14 22.17
C CYS B 94 23.13 14.40 21.02
N SER B 95 23.90 13.98 20.03
CA SER B 95 23.34 13.26 18.89
C SER B 95 22.64 11.97 19.34
N GLU B 96 23.33 11.19 20.17
CA GLU B 96 22.75 9.94 20.68
C GLU B 96 21.54 10.23 21.54
N THR B 97 21.61 11.31 22.30
CA THR B 97 20.51 11.68 23.16
C THR B 97 19.25 11.94 22.33
N PHE B 98 19.40 12.69 21.26
CA PHE B 98 18.28 13.01 20.38
C PHE B 98 17.72 11.72 19.78
N THR B 99 18.59 10.93 19.14
CA THR B 99 18.17 9.67 18.54
C THR B 99 17.45 8.77 19.55
N ASN B 100 17.98 8.70 20.77
CA ASN B 100 17.37 7.84 21.79
C ASN B 100 16.05 8.34 22.33
N LYS B 101 15.82 9.65 22.28
CA LYS B 101 14.56 10.19 22.77
C LYS B 101 13.47 9.74 21.79
N LEU B 102 13.75 9.86 20.49
CA LEU B 102 12.80 9.45 19.46
C LEU B 102 12.40 7.99 19.67
N LYS B 103 13.40 7.14 19.91
CA LYS B 103 13.13 5.73 20.15
C LYS B 103 12.30 5.55 21.42
N GLU B 104 12.66 6.27 22.46
CA GLU B 104 11.92 6.20 23.73
C GLU B 104 10.45 6.57 23.52
N LYS B 105 10.19 7.51 22.64
CA LYS B 105 8.82 7.94 22.37
C LYS B 105 8.16 7.12 21.27
N HIS B 106 8.63 5.88 21.09
CA HIS B 106 8.13 4.99 20.05
C HIS B 106 6.61 4.80 20.01
N THR B 107 5.96 4.87 21.17
CA THR B 107 4.51 4.70 21.21
C THR B 107 3.77 5.84 20.51
N ASP B 108 4.37 7.03 20.51
CA ASP B 108 3.77 8.20 19.88
C ASP B 108 4.31 8.47 18.47
N LEU B 109 5.58 8.17 18.27
CA LEU B 109 6.22 8.41 16.98
C LEU B 109 6.38 7.14 16.13
N GLY B 110 6.25 5.98 16.76
CA GLY B 110 6.41 4.72 16.05
C GLY B 110 5.16 4.11 15.43
N LYS B 111 4.53 4.86 14.54
CA LYS B 111 3.33 4.41 13.85
C LYS B 111 3.04 5.34 12.69
N GLU B 112 2.16 4.95 11.78
CA GLU B 112 1.87 5.78 10.62
C GLU B 112 1.06 7.02 10.98
N GLY B 113 0.08 6.86 11.85
CA GLY B 113 -0.76 7.97 12.24
C GLY B 113 -0.23 8.85 13.36
N VAL B 114 1.00 9.36 13.20
CA VAL B 114 1.60 10.25 14.21
C VAL B 114 0.93 11.61 14.08
N THR B 115 0.43 12.16 15.18
CA THR B 115 -0.24 13.46 15.18
C THR B 115 0.73 14.59 14.87
N ASP B 116 0.20 15.70 14.36
CA ASP B 116 1.03 16.87 14.05
C ASP B 116 1.63 17.40 15.35
N ALA B 117 0.79 17.39 16.39
CA ALA B 117 1.20 17.87 17.71
C ALA B 117 2.40 17.08 18.24
N ASP B 118 2.33 15.77 18.13
CA ASP B 118 3.43 14.94 18.59
C ASP B 118 4.66 15.09 17.72
N ALA B 119 4.46 15.17 16.41
CA ALA B 119 5.58 15.33 15.48
C ALA B 119 6.37 16.57 15.85
N LYS B 120 5.64 17.66 16.10
CA LYS B 120 6.28 18.93 16.44
C LYS B 120 7.08 18.82 17.73
N GLU B 121 6.58 18.04 18.68
CA GLU B 121 7.28 17.86 19.95
C GLU B 121 8.54 17.03 19.79
N ALA B 122 8.69 16.38 18.64
CA ALA B 122 9.85 15.54 18.42
C ALA B 122 10.93 16.16 17.54
N ILE B 123 10.54 16.91 16.52
CA ILE B 123 11.54 17.48 15.61
C ILE B 123 11.44 18.98 15.30
N LEU B 124 10.46 19.67 15.90
CA LEU B 124 10.32 21.10 15.66
C LEU B 124 10.91 21.86 16.85
N LYS B 125 12.18 22.23 16.74
CA LYS B 125 12.88 22.92 17.83
C LYS B 125 12.33 24.27 18.29
N THR B 126 11.43 24.86 17.53
CA THR B 126 10.86 26.15 17.92
C THR B 126 9.44 26.00 18.42
N ASN B 127 8.99 24.76 18.62
CA ASN B 127 7.63 24.48 19.09
C ASN B 127 7.43 24.81 20.57
N GLY B 128 6.21 25.20 20.92
CA GLY B 128 5.88 25.53 22.30
C GLY B 128 6.29 24.44 23.27
N THR B 129 6.07 23.19 22.89
CA THR B 129 6.42 22.05 23.72
C THR B 129 7.39 21.14 22.95
N LYS B 130 8.44 20.67 23.61
CA LYS B 130 9.43 19.81 22.97
C LYS B 130 9.73 18.58 23.82
N THR B 131 8.69 17.93 24.35
CA THR B 131 8.90 16.77 25.21
C THR B 131 9.15 15.43 24.54
N LYS B 132 9.16 15.39 23.21
CA LYS B 132 9.38 14.13 22.51
C LYS B 132 10.61 14.10 21.62
N GLY B 133 11.59 14.95 21.91
CA GLY B 133 12.81 14.97 21.12
C GLY B 133 13.28 16.33 20.63
N ALA B 134 12.36 17.27 20.46
CA ALA B 134 12.71 18.60 19.96
C ALA B 134 13.69 19.33 20.90
N GLU B 135 13.58 19.06 22.20
CA GLU B 135 14.47 19.68 23.17
C GLU B 135 15.88 19.21 22.84
N GLU B 136 16.06 17.90 22.72
CA GLU B 136 17.36 17.32 22.41
C GLU B 136 17.86 17.76 21.04
N LEU B 137 16.94 18.02 20.11
CA LEU B 137 17.36 18.46 18.78
C LEU B 137 17.93 19.86 18.93
N GLY B 138 17.25 20.67 19.74
CA GLY B 138 17.70 22.04 19.98
C GLY B 138 19.11 22.08 20.53
N LYS B 139 19.43 21.21 21.48
CA LYS B 139 20.77 21.17 22.07
C LYS B 139 21.78 20.64 21.06
N LEU B 140 21.36 19.68 20.23
CA LEU B 140 22.25 19.12 19.21
C LEU B 140 22.70 20.24 18.28
N PHE B 141 21.75 21.07 17.86
CA PHE B 141 22.07 22.19 16.98
C PHE B 141 23.16 23.06 17.61
N GLU B 142 22.91 23.43 18.86
CA GLU B 142 23.82 24.26 19.64
C GLU B 142 25.22 23.63 19.66
N SER B 143 25.29 22.34 19.96
CA SER B 143 26.56 21.62 20.01
C SER B 143 27.30 21.69 18.69
N VAL B 144 26.59 21.40 17.61
CA VAL B 144 27.20 21.41 16.28
C VAL B 144 27.62 22.82 15.89
N GLU B 145 26.80 23.82 16.20
CA GLU B 145 27.12 25.21 15.86
C GLU B 145 28.40 25.65 16.54
N VAL B 146 28.63 25.16 17.76
CA VAL B 146 29.84 25.48 18.52
C VAL B 146 31.05 24.89 17.79
N LEU B 147 30.91 23.63 17.37
CA LEU B 147 31.96 22.94 16.64
C LEU B 147 32.22 23.64 15.30
N SER B 148 31.15 24.18 14.73
CA SER B 148 31.24 24.88 13.45
C SER B 148 32.03 26.18 13.61
N LYS B 149 31.81 26.86 14.73
CA LYS B 149 32.52 28.11 15.04
C LYS B 149 34.02 27.84 15.08
N ALA B 150 34.42 26.90 15.92
CA ALA B 150 35.81 26.53 16.08
C ALA B 150 36.46 26.17 14.75
N ALA B 151 35.88 25.19 14.06
CA ALA B 151 36.41 24.74 12.78
C ALA B 151 36.52 25.89 11.78
N LYS B 152 35.52 26.77 11.77
CA LYS B 152 35.50 27.89 10.85
C LYS B 152 36.65 28.88 11.11
N GLU B 153 36.99 29.07 12.37
CA GLU B 153 38.06 29.98 12.76
C GLU B 153 39.44 29.39 12.52
N MET B 154 39.60 28.09 12.76
CA MET B 154 40.88 27.45 12.54
C MET B 154 41.28 27.65 11.08
N LEU B 155 40.30 27.67 10.19
CA LEU B 155 40.55 27.86 8.77
C LEU B 155 41.03 29.29 8.54
N ALA B 156 40.34 30.25 9.15
CA ALA B 156 40.69 31.64 9.03
C ALA B 156 42.10 31.89 9.57
N ASN B 157 42.39 31.38 10.76
CA ASN B 157 43.71 31.54 11.37
C ASN B 157 44.79 31.07 10.40
N SER B 158 44.55 29.91 9.79
CA SER B 158 45.48 29.34 8.85
C SER B 158 45.62 30.20 7.60
N VAL B 159 44.53 30.84 7.19
CA VAL B 159 44.56 31.70 6.00
C VAL B 159 45.12 33.09 6.29
N LYS B 160 45.08 33.51 7.56
CA LYS B 160 45.60 34.82 7.95
C LYS B 160 47.10 34.81 8.16
N GLU B 161 47.72 33.64 8.06
CA GLU B 161 49.17 33.51 8.21
C GLU B 161 49.87 33.91 6.92
N LEU B 162 49.09 34.13 5.88
CA LEU B 162 49.63 34.53 4.59
C LEU B 162 49.77 36.04 4.54
N THR B 163 49.32 36.73 5.59
CA THR B 163 49.40 38.18 5.65
C THR B 163 49.67 38.69 7.07
N SER B 164 50.32 37.86 7.89
CA SER B 164 50.64 38.23 9.25
C SER B 164 51.94 37.56 9.68
N PRO B 165 52.64 38.14 10.65
CA PRO B 165 53.90 37.57 11.14
C PRO B 165 53.66 36.23 11.84
N GLY C 3 -48.26 -37.44 -30.12
CA GLY C 3 -48.41 -37.38 -28.64
C GLY C 3 -47.07 -37.36 -27.92
N PRO C 4 -46.81 -36.34 -27.09
CA PRO C 4 -45.55 -36.22 -26.34
C PRO C 4 -45.40 -37.31 -25.28
N ASN C 5 -44.22 -37.93 -25.21
CA ASN C 5 -43.96 -38.98 -24.22
C ASN C 5 -43.63 -38.36 -22.87
N LEU C 6 -44.67 -38.06 -22.10
CA LEU C 6 -44.53 -37.43 -20.79
C LEU C 6 -43.64 -38.20 -19.79
N THR C 7 -43.32 -39.44 -20.09
CA THR C 7 -42.48 -40.24 -19.19
C THR C 7 -41.01 -39.89 -19.35
N GLU C 8 -40.54 -39.88 -20.59
CA GLU C 8 -39.15 -39.56 -20.87
C GLU C 8 -38.88 -38.07 -20.76
N ILE C 9 -39.80 -37.26 -21.26
CA ILE C 9 -39.65 -35.81 -21.21
C ILE C 9 -39.51 -35.32 -19.78
N SER C 10 -40.18 -36.01 -18.86
CA SER C 10 -40.12 -35.63 -17.45
C SER C 10 -38.72 -35.87 -16.90
N LYS C 11 -38.13 -37.02 -17.24
CA LYS C 11 -36.78 -37.32 -16.78
C LYS C 11 -35.79 -36.46 -17.53
N LYS C 12 -36.21 -35.96 -18.70
CA LYS C 12 -35.35 -35.11 -19.51
C LYS C 12 -35.28 -33.73 -18.87
N ILE C 13 -36.40 -33.28 -18.30
CA ILE C 13 -36.46 -31.99 -17.63
C ILE C 13 -35.72 -32.06 -16.29
N THR C 14 -35.98 -33.13 -15.54
CA THR C 14 -35.35 -33.33 -14.25
C THR C 14 -33.82 -33.39 -14.37
N ASP C 15 -33.33 -34.07 -15.40
CA ASP C 15 -31.90 -34.20 -15.60
C ASP C 15 -31.22 -32.90 -16.05
N SER C 16 -31.75 -32.29 -17.10
CA SER C 16 -31.15 -31.06 -17.60
C SER C 16 -31.19 -29.95 -16.54
N ASN C 17 -32.22 -29.99 -15.70
CA ASN C 17 -32.35 -28.98 -14.65
C ASN C 17 -31.29 -29.15 -13.59
N ALA C 18 -30.93 -30.40 -13.30
CA ALA C 18 -29.91 -30.71 -12.30
C ALA C 18 -28.58 -30.17 -12.79
N VAL C 19 -28.33 -30.33 -14.08
CA VAL C 19 -27.09 -29.84 -14.68
C VAL C 19 -27.03 -28.31 -14.58
N LEU C 20 -28.14 -27.67 -14.88
CA LEU C 20 -28.23 -26.21 -14.84
C LEU C 20 -27.89 -25.69 -13.45
N LEU C 21 -28.45 -26.33 -12.43
CA LEU C 21 -28.19 -25.92 -11.05
C LEU C 21 -26.71 -26.01 -10.73
N ALA C 22 -26.08 -27.11 -11.15
CA ALA C 22 -24.67 -27.33 -10.90
C ALA C 22 -23.85 -26.22 -11.55
N VAL C 23 -24.23 -25.85 -12.76
CA VAL C 23 -23.53 -24.79 -13.49
C VAL C 23 -23.81 -23.45 -12.82
N LYS C 24 -25.07 -23.22 -12.48
CA LYS C 24 -25.48 -21.97 -11.83
C LYS C 24 -24.73 -21.73 -10.51
N GLU C 25 -24.42 -22.80 -9.80
CA GLU C 25 -23.69 -22.69 -8.54
C GLU C 25 -22.30 -22.12 -8.80
N VAL C 26 -21.66 -22.61 -9.87
CA VAL C 26 -20.33 -22.15 -10.24
C VAL C 26 -20.41 -20.68 -10.64
N GLU C 27 -21.50 -20.34 -11.32
CA GLU C 27 -21.72 -18.97 -11.77
C GLU C 27 -21.83 -18.09 -10.53
N ALA C 28 -22.60 -18.53 -9.55
CA ALA C 28 -22.79 -17.78 -8.32
C ALA C 28 -21.47 -17.63 -7.55
N LEU C 29 -20.66 -18.68 -7.51
CA LEU C 29 -19.37 -18.61 -6.81
C LEU C 29 -18.52 -17.57 -7.51
N LEU C 30 -18.63 -17.48 -8.83
CA LEU C 30 -17.89 -16.48 -9.58
C LEU C 30 -18.40 -15.09 -9.20
N SER C 31 -19.70 -14.97 -8.96
CA SER C 31 -20.26 -13.67 -8.61
C SER C 31 -19.70 -13.19 -7.27
N SER C 32 -19.40 -14.12 -6.37
CA SER C 32 -18.85 -13.73 -5.06
C SER C 32 -17.43 -13.15 -5.17
N ILE C 33 -16.66 -13.64 -6.14
CA ILE C 33 -15.31 -13.13 -6.34
C ILE C 33 -15.39 -11.72 -6.94
N ASP C 34 -16.40 -11.48 -7.77
CA ASP C 34 -16.59 -10.16 -8.36
C ASP C 34 -17.06 -9.20 -7.30
N GLU C 35 -17.96 -9.68 -6.43
CA GLU C 35 -18.49 -8.85 -5.36
C GLU C 35 -17.39 -8.36 -4.43
N ILE C 36 -16.54 -9.27 -3.97
CA ILE C 36 -15.47 -8.85 -3.07
C ILE C 36 -14.43 -7.98 -3.77
N ALA C 37 -14.21 -8.21 -5.05
CA ALA C 37 -13.25 -7.42 -5.82
C ALA C 37 -13.73 -5.99 -5.95
N ALA C 38 -14.99 -5.83 -6.34
CA ALA C 38 -15.58 -4.50 -6.51
C ALA C 38 -15.94 -3.76 -5.22
N LYS C 39 -16.23 -4.48 -4.15
CA LYS C 39 -16.65 -3.83 -2.90
C LYS C 39 -15.74 -3.92 -1.70
N ALA C 40 -14.94 -4.97 -1.60
CA ALA C 40 -14.09 -5.16 -0.41
C ALA C 40 -12.62 -4.78 -0.49
N ILE C 41 -12.06 -4.67 -1.69
CA ILE C 41 -10.67 -4.29 -1.79
C ILE C 41 -10.43 -2.95 -1.10
N GLY C 42 -9.39 -2.89 -0.28
CA GLY C 42 -9.08 -1.67 0.43
C GLY C 42 -10.17 -1.21 1.39
N LYS C 43 -10.92 -2.15 1.93
CA LYS C 43 -11.99 -1.82 2.87
C LYS C 43 -11.84 -2.55 4.19
N LYS C 44 -12.69 -2.20 5.13
CA LYS C 44 -12.72 -2.83 6.45
C LYS C 44 -14.11 -2.63 7.01
N ILE C 45 -14.55 -3.54 7.87
CA ILE C 45 -15.87 -3.42 8.45
C ILE C 45 -15.96 -2.13 9.27
N HIS C 46 -17.09 -1.45 9.16
CA HIS C 46 -17.34 -0.19 9.86
C HIS C 46 -18.66 -0.37 10.60
N GLN C 47 -18.75 0.10 11.84
CA GLN C 47 -19.98 -0.08 12.61
C GLN C 47 -21.26 0.53 12.02
N ASN C 48 -21.14 1.67 11.33
CA ASN C 48 -22.32 2.30 10.76
C ASN C 48 -22.51 2.16 9.26
N ASN C 49 -21.45 2.39 8.49
CA ASN C 49 -21.56 2.31 7.03
C ASN C 49 -21.21 0.94 6.45
N GLY C 50 -21.09 -0.06 7.33
CA GLY C 50 -20.76 -1.39 6.84
C GLY C 50 -19.30 -1.48 6.45
N LEU C 51 -18.93 -0.81 5.36
CA LEU C 51 -17.55 -0.82 4.89
C LEU C 51 -16.93 0.57 4.89
N ASP C 52 -15.66 0.63 5.29
CA ASP C 52 -14.93 1.88 5.38
C ASP C 52 -13.53 1.69 4.78
N THR C 53 -12.85 2.79 4.49
CA THR C 53 -11.52 2.70 3.90
C THR C 53 -10.42 2.15 4.80
N GLU C 54 -9.63 1.26 4.24
CA GLU C 54 -8.50 0.60 4.92
C GLU C 54 -7.66 0.06 3.76
N ASN C 55 -6.76 0.91 3.25
CA ASN C 55 -5.93 0.56 2.10
C ASN C 55 -4.72 -0.35 2.28
N ASN C 56 -4.49 -1.14 1.24
CA ASN C 56 -3.33 -2.03 1.11
C ASN C 56 -3.05 -3.17 2.08
N HIS C 57 -4.10 -3.85 2.53
CA HIS C 57 -3.94 -4.97 3.45
C HIS C 57 -4.88 -6.04 2.91
N ASN C 58 -4.83 -6.23 1.60
CA ASN C 58 -5.71 -7.16 0.89
C ASN C 58 -5.26 -8.61 0.83
N GLY C 59 -4.29 -8.98 1.64
CA GLY C 59 -3.80 -10.35 1.63
C GLY C 59 -4.82 -11.42 1.97
N SER C 60 -5.49 -11.27 3.11
CA SER C 60 -6.47 -12.27 3.52
C SER C 60 -7.64 -12.34 2.54
N LEU C 61 -8.00 -11.20 1.98
CA LEU C 61 -9.09 -11.15 1.00
C LEU C 61 -8.72 -11.98 -0.23
N LEU C 62 -7.48 -11.84 -0.68
CA LEU C 62 -7.00 -12.59 -1.84
C LEU C 62 -6.99 -14.08 -1.54
N ALA C 63 -6.67 -14.43 -0.29
CA ALA C 63 -6.62 -15.83 0.12
C ALA C 63 -8.01 -16.40 -0.11
N GLY C 64 -9.02 -15.65 0.34
CA GLY C 64 -10.39 -16.06 0.16
C GLY C 64 -10.69 -16.25 -1.31
N ALA C 65 -10.35 -15.27 -2.13
CA ALA C 65 -10.59 -15.35 -3.56
C ALA C 65 -9.94 -16.62 -4.10
N TYR C 66 -8.70 -16.87 -3.70
CA TYR C 66 -8.02 -18.08 -4.15
C TYR C 66 -8.82 -19.32 -3.76
N ALA C 67 -9.23 -19.36 -2.49
CA ALA C 67 -10.00 -20.48 -1.94
C ALA C 67 -11.29 -20.71 -2.72
N ILE C 68 -11.95 -19.63 -3.10
CA ILE C 68 -13.18 -19.73 -3.86
C ILE C 68 -12.87 -20.26 -5.25
N SER C 69 -11.74 -19.85 -5.82
CA SER C 69 -11.37 -20.31 -7.16
C SER C 69 -11.12 -21.82 -7.19
N THR C 70 -10.44 -22.35 -6.18
CA THR C 70 -10.19 -23.80 -6.17
C THR C 70 -11.51 -24.52 -5.98
N LEU C 71 -12.42 -23.95 -5.20
CA LEU C 71 -13.73 -24.56 -4.99
C LEU C 71 -14.45 -24.62 -6.34
N ILE C 72 -14.31 -23.54 -7.11
CA ILE C 72 -14.94 -23.47 -8.43
C ILE C 72 -14.38 -24.57 -9.31
N LYS C 73 -13.07 -24.76 -9.24
CA LYS C 73 -12.40 -25.80 -10.04
C LYS C 73 -12.96 -27.16 -9.63
N GLN C 74 -13.13 -27.32 -8.33
CA GLN C 74 -13.65 -28.55 -7.77
C GLN C 74 -15.04 -28.85 -8.30
N LYS C 75 -15.90 -27.82 -8.35
CA LYS C 75 -17.26 -27.99 -8.84
C LYS C 75 -17.31 -28.33 -10.33
N LEU C 76 -16.47 -27.68 -11.12
CA LEU C 76 -16.45 -27.93 -12.55
C LEU C 76 -16.00 -29.36 -12.84
N ASP C 77 -15.01 -29.85 -12.08
CA ASP C 77 -14.52 -31.21 -12.26
C ASP C 77 -15.60 -32.23 -11.91
N GLY C 78 -16.59 -31.80 -11.13
CA GLY C 78 -17.66 -32.70 -10.75
C GLY C 78 -18.75 -32.75 -11.81
N LEU C 79 -18.70 -31.82 -12.76
CA LEU C 79 -19.70 -31.79 -13.82
C LEU C 79 -19.44 -32.88 -14.85
N LYS C 80 -20.43 -33.72 -15.06
CA LYS C 80 -20.33 -34.79 -16.04
C LYS C 80 -21.54 -34.70 -16.95
N ASN C 81 -21.30 -34.49 -18.24
CA ASN C 81 -22.40 -34.37 -19.18
C ASN C 81 -21.94 -34.46 -20.62
N GLU C 82 -22.35 -35.55 -21.28
CA GLU C 82 -22.03 -35.81 -22.68
C GLU C 82 -22.06 -34.56 -23.55
N GLY C 83 -23.24 -33.96 -23.65
CA GLY C 83 -23.43 -32.78 -24.48
C GLY C 83 -22.61 -31.56 -24.17
N LEU C 84 -22.52 -31.19 -22.89
CA LEU C 84 -21.78 -30.01 -22.49
C LEU C 84 -20.28 -30.27 -22.25
N LYS C 85 -19.85 -31.51 -22.42
CA LYS C 85 -18.46 -31.87 -22.18
C LYS C 85 -17.43 -30.86 -22.68
N GLU C 86 -17.47 -30.53 -23.95
CA GLU C 86 -16.51 -29.60 -24.52
C GLU C 86 -16.53 -28.22 -23.86
N LYS C 87 -17.72 -27.72 -23.54
CA LYS C 87 -17.83 -26.42 -22.91
C LYS C 87 -17.41 -26.48 -21.44
N ILE C 88 -17.49 -27.68 -20.86
CA ILE C 88 -17.09 -27.88 -19.48
C ILE C 88 -15.57 -27.92 -19.40
N ASP C 89 -14.94 -28.64 -20.32
CA ASP C 89 -13.48 -28.74 -20.34
C ASP C 89 -12.84 -27.39 -20.61
N ALA C 90 -13.56 -26.51 -21.30
CA ALA C 90 -13.04 -25.19 -21.60
C ALA C 90 -13.02 -24.40 -20.30
N ALA C 91 -14.11 -24.50 -19.54
CA ALA C 91 -14.22 -23.82 -18.25
C ALA C 91 -13.19 -24.36 -17.27
N LYS C 92 -13.00 -25.68 -17.27
CA LYS C 92 -12.03 -26.30 -16.38
C LYS C 92 -10.65 -25.75 -16.69
N LYS C 93 -10.33 -25.66 -17.98
CA LYS C 93 -9.03 -25.17 -18.41
C LYS C 93 -8.81 -23.73 -17.95
N CYS C 94 -9.76 -22.86 -18.24
CA CYS C 94 -9.65 -21.47 -17.84
C CYS C 94 -9.56 -21.32 -16.33
N SER C 95 -10.27 -22.19 -15.61
CA SER C 95 -10.27 -22.16 -14.16
C SER C 95 -8.86 -22.38 -13.61
N GLU C 96 -8.13 -23.34 -14.19
CA GLU C 96 -6.76 -23.61 -13.76
C GLU C 96 -5.85 -22.42 -14.07
N THR C 97 -6.00 -21.88 -15.28
CA THR C 97 -5.21 -20.74 -15.71
C THR C 97 -5.32 -19.61 -14.70
N PHE C 98 -6.54 -19.31 -14.28
CA PHE C 98 -6.79 -18.25 -13.30
C PHE C 98 -6.12 -18.56 -11.97
N THR C 99 -6.41 -19.74 -11.43
CA THR C 99 -5.82 -20.16 -10.17
C THR C 99 -4.29 -20.16 -10.22
N ASN C 100 -3.74 -20.57 -11.36
CA ASN C 100 -2.29 -20.61 -11.50
C ASN C 100 -1.65 -19.25 -11.65
N LYS C 101 -2.38 -18.29 -12.21
CA LYS C 101 -1.84 -16.95 -12.35
C LYS C 101 -1.69 -16.34 -10.95
N LEU C 102 -2.66 -16.60 -10.08
CA LEU C 102 -2.58 -16.07 -8.72
C LEU C 102 -1.35 -16.62 -8.03
N LYS C 103 -1.14 -17.94 -8.13
CA LYS C 103 0.03 -18.54 -7.51
C LYS C 103 1.30 -17.92 -8.07
N GLU C 104 1.35 -17.80 -9.40
CA GLU C 104 2.50 -17.21 -10.05
C GLU C 104 2.84 -15.83 -9.49
N LYS C 105 1.81 -15.04 -9.19
CA LYS C 105 2.01 -13.70 -8.67
C LYS C 105 2.14 -13.65 -7.15
N HIS C 106 2.47 -14.79 -6.56
CA HIS C 106 2.61 -14.91 -5.11
C HIS C 106 3.42 -13.79 -4.45
N THR C 107 4.42 -13.26 -5.16
CA THR C 107 5.27 -12.21 -4.59
C THR C 107 4.48 -10.94 -4.31
N ASP C 108 3.45 -10.71 -5.12
CA ASP C 108 2.60 -9.53 -4.98
C ASP C 108 1.31 -9.81 -4.19
N LEU C 109 0.78 -11.02 -4.33
CA LEU C 109 -0.47 -11.37 -3.69
C LEU C 109 -0.31 -12.31 -2.50
N GLY C 110 0.90 -12.80 -2.29
CA GLY C 110 1.12 -13.74 -1.20
C GLY C 110 1.69 -13.15 0.08
N LYS C 111 0.99 -12.19 0.65
CA LYS C 111 1.40 -11.55 1.89
C LYS C 111 0.19 -10.77 2.40
N GLU C 112 0.24 -10.31 3.65
CA GLU C 112 -0.89 -9.58 4.19
C GLU C 112 -1.02 -8.19 3.59
N GLY C 113 0.11 -7.50 3.39
CA GLY C 113 0.07 -6.17 2.84
C GLY C 113 -0.05 -6.05 1.33
N VAL C 114 -1.07 -6.67 0.74
CA VAL C 114 -1.28 -6.58 -0.71
C VAL C 114 -1.94 -5.24 -1.03
N THR C 115 -1.31 -4.46 -1.92
CA THR C 115 -1.85 -3.15 -2.29
C THR C 115 -3.20 -3.26 -3.01
N ASP C 116 -4.00 -2.21 -2.94
CA ASP C 116 -5.30 -2.21 -3.62
C ASP C 116 -5.06 -2.32 -5.14
N ALA C 117 -4.00 -1.68 -5.60
CA ALA C 117 -3.66 -1.70 -7.02
C ALA C 117 -3.38 -3.12 -7.51
N ASP C 118 -2.60 -3.86 -6.75
CA ASP C 118 -2.27 -5.23 -7.14
C ASP C 118 -3.47 -6.16 -7.02
N ALA C 119 -4.29 -5.96 -5.99
CA ALA C 119 -5.48 -6.78 -5.80
C ALA C 119 -6.42 -6.59 -6.97
N LYS C 120 -6.54 -5.34 -7.45
CA LYS C 120 -7.43 -5.07 -8.56
C LYS C 120 -6.93 -5.73 -9.83
N GLU C 121 -5.61 -5.87 -9.96
CA GLU C 121 -5.06 -6.50 -11.15
C GLU C 121 -5.18 -8.01 -11.11
N ALA C 122 -5.55 -8.54 -9.94
CA ALA C 122 -5.67 -9.99 -9.79
C ALA C 122 -7.11 -10.49 -9.80
N ILE C 123 -8.03 -9.73 -9.21
CA ILE C 123 -9.42 -10.19 -9.17
C ILE C 123 -10.51 -9.24 -9.61
N LEU C 124 -10.16 -8.05 -10.10
CA LEU C 124 -11.18 -7.10 -10.57
C LEU C 124 -11.20 -7.11 -12.10
N LYS C 125 -12.10 -7.90 -12.67
CA LYS C 125 -12.18 -8.04 -14.13
C LYS C 125 -12.48 -6.78 -14.94
N THR C 126 -12.86 -5.69 -14.29
CA THR C 126 -13.17 -4.47 -15.01
C THR C 126 -12.09 -3.41 -14.84
N ASN C 127 -11.02 -3.76 -14.13
CA ASN C 127 -9.90 -2.84 -13.86
C ASN C 127 -9.13 -2.50 -15.15
N GLY C 128 -8.52 -1.32 -15.18
CA GLY C 128 -7.74 -0.90 -16.33
C GLY C 128 -6.60 -1.85 -16.65
N THR C 129 -5.86 -2.26 -15.63
CA THR C 129 -4.75 -3.18 -15.83
C THR C 129 -5.14 -4.53 -15.22
N LYS C 130 -4.92 -5.62 -15.96
CA LYS C 130 -5.28 -6.96 -15.48
C LYS C 130 -4.13 -7.94 -15.54
N THR C 131 -2.92 -7.51 -15.20
CA THR C 131 -1.76 -8.40 -15.29
C THR C 131 -1.49 -9.38 -14.14
N LYS C 132 -2.35 -9.44 -13.13
CA LYS C 132 -2.11 -10.37 -12.03
C LYS C 132 -3.22 -11.40 -11.78
N GLY C 133 -4.03 -11.66 -12.79
CA GLY C 133 -5.10 -12.63 -12.63
C GLY C 133 -6.44 -12.20 -13.17
N ALA C 134 -6.70 -10.90 -13.18
CA ALA C 134 -7.97 -10.37 -13.65
C ALA C 134 -8.28 -10.81 -15.08
N GLU C 135 -7.28 -10.76 -15.94
CA GLU C 135 -7.45 -11.14 -17.33
C GLU C 135 -8.00 -12.56 -17.40
N GLU C 136 -7.35 -13.47 -16.66
CA GLU C 136 -7.76 -14.87 -16.63
C GLU C 136 -9.14 -15.06 -15.98
N LEU C 137 -9.45 -14.21 -15.00
CA LEU C 137 -10.75 -14.29 -14.35
C LEU C 137 -11.83 -13.90 -15.37
N GLY C 138 -11.50 -12.92 -16.21
CA GLY C 138 -12.44 -12.48 -17.22
C GLY C 138 -12.76 -13.57 -18.22
N LYS C 139 -11.75 -14.30 -18.65
CA LYS C 139 -11.94 -15.39 -19.61
C LYS C 139 -12.72 -16.53 -18.94
N LEU C 140 -12.43 -16.79 -17.67
CA LEU C 140 -13.14 -17.83 -16.93
C LEU C 140 -14.62 -17.51 -16.93
N PHE C 141 -14.94 -16.24 -16.65
CA PHE C 141 -16.33 -15.82 -16.64
C PHE C 141 -17.00 -16.16 -17.97
N GLU C 142 -16.31 -15.81 -19.05
CA GLU C 142 -16.80 -16.04 -20.39
C GLU C 142 -17.05 -17.52 -20.63
N SER C 143 -16.10 -18.36 -20.23
CA SER C 143 -16.22 -19.82 -20.39
C SER C 143 -17.45 -20.35 -19.67
N VAL C 144 -17.65 -19.92 -18.44
CA VAL C 144 -18.80 -20.36 -17.65
C VAL C 144 -20.12 -19.82 -18.20
N GLU C 145 -20.13 -18.58 -18.65
CA GLU C 145 -21.34 -18.00 -19.21
C GLU C 145 -21.77 -18.76 -20.45
N VAL C 146 -20.79 -19.23 -21.22
CA VAL C 146 -21.07 -20.00 -22.43
C VAL C 146 -21.70 -21.35 -22.03
N LEU C 147 -21.12 -21.96 -21.00
CA LEU C 147 -21.60 -23.24 -20.47
C LEU C 147 -22.99 -23.04 -19.89
N SER C 148 -23.21 -21.87 -19.29
CA SER C 148 -24.51 -21.56 -18.70
C SER C 148 -25.56 -21.46 -19.81
N LYS C 149 -25.23 -20.75 -20.89
CA LYS C 149 -26.13 -20.58 -22.03
C LYS C 149 -26.64 -21.94 -22.52
N ALA C 150 -25.70 -22.78 -22.94
CA ALA C 150 -26.00 -24.12 -23.44
C ALA C 150 -26.92 -24.89 -22.51
N ALA C 151 -26.50 -25.05 -21.26
CA ALA C 151 -27.28 -25.78 -20.26
C ALA C 151 -28.65 -25.16 -19.99
N LYS C 152 -28.75 -23.85 -20.16
CA LYS C 152 -30.01 -23.16 -19.92
C LYS C 152 -30.99 -23.47 -21.05
N GLU C 153 -30.45 -23.67 -22.25
CA GLU C 153 -31.27 -23.97 -23.41
C GLU C 153 -31.70 -25.44 -23.47
N MET C 154 -30.81 -26.33 -23.06
CA MET C 154 -31.14 -27.76 -23.06
C MET C 154 -32.35 -28.01 -22.18
N LEU C 155 -32.51 -27.19 -21.14
CA LEU C 155 -33.65 -27.33 -20.24
C LEU C 155 -34.89 -26.78 -20.95
N ALA C 156 -34.71 -25.68 -21.66
CA ALA C 156 -35.79 -25.05 -22.40
C ALA C 156 -36.30 -26.01 -23.48
N ASN C 157 -35.37 -26.61 -24.22
CA ASN C 157 -35.73 -27.55 -25.29
C ASN C 157 -36.50 -28.75 -24.75
N SER C 158 -36.11 -29.22 -23.57
CA SER C 158 -36.77 -30.36 -22.95
C SER C 158 -38.14 -29.94 -22.43
N VAL C 159 -38.28 -28.67 -22.10
CA VAL C 159 -39.56 -28.16 -21.58
C VAL C 159 -40.49 -27.75 -22.72
N LYS C 160 -39.94 -27.51 -23.89
CA LYS C 160 -40.75 -27.10 -25.04
C LYS C 160 -41.31 -28.31 -25.78
N GLU C 161 -40.92 -29.51 -25.35
CA GLU C 161 -41.40 -30.73 -25.97
C GLU C 161 -42.82 -31.02 -25.48
N LEU C 162 -43.20 -30.34 -24.40
CA LEU C 162 -44.52 -30.51 -23.82
C LEU C 162 -45.57 -29.70 -24.57
N THR C 163 -45.16 -29.05 -25.65
CA THR C 163 -46.08 -28.25 -26.44
C THR C 163 -45.67 -28.14 -27.91
N SER C 164 -44.88 -29.09 -28.40
CA SER C 164 -44.45 -29.07 -29.79
C SER C 164 -44.36 -30.47 -30.39
N PRO D 4 -54.00 -34.34 -18.66
CA PRO D 4 -53.43 -33.18 -17.94
C PRO D 4 -53.28 -31.98 -18.87
N ASN D 5 -53.17 -30.79 -18.27
CA ASN D 5 -53.03 -29.55 -19.04
C ASN D 5 -51.55 -29.20 -19.24
N LEU D 6 -50.96 -29.74 -20.31
CA LEU D 6 -49.56 -29.51 -20.63
C LEU D 6 -49.17 -28.05 -20.85
N THR D 7 -50.18 -27.18 -20.93
CA THR D 7 -49.93 -25.76 -21.14
C THR D 7 -49.61 -25.06 -19.84
N GLU D 8 -50.52 -25.18 -18.87
CA GLU D 8 -50.34 -24.54 -17.58
C GLU D 8 -49.20 -25.17 -16.77
N ILE D 9 -49.09 -26.50 -16.85
CA ILE D 9 -48.05 -27.22 -16.13
C ILE D 9 -46.65 -26.85 -16.62
N SER D 10 -46.56 -26.45 -17.88
CA SER D 10 -45.28 -26.05 -18.46
C SER D 10 -44.83 -24.72 -17.85
N LYS D 11 -45.76 -23.78 -17.73
CA LYS D 11 -45.46 -22.48 -17.15
C LYS D 11 -45.34 -22.62 -15.65
N LYS D 12 -45.84 -23.74 -15.12
CA LYS D 12 -45.77 -23.97 -13.67
C LYS D 12 -44.39 -24.52 -13.34
N ILE D 13 -43.80 -25.26 -14.27
CA ILE D 13 -42.47 -25.82 -14.08
C ILE D 13 -41.45 -24.71 -14.29
N THR D 14 -41.63 -23.94 -15.36
CA THR D 14 -40.73 -22.84 -15.67
C THR D 14 -40.66 -21.85 -14.52
N ASP D 15 -41.81 -21.51 -13.96
CA ASP D 15 -41.87 -20.56 -12.87
C ASP D 15 -41.25 -21.02 -11.56
N SER D 16 -41.59 -22.23 -11.11
CA SER D 16 -41.03 -22.73 -9.86
C SER D 16 -39.52 -22.93 -10.00
N ASN D 17 -39.08 -23.28 -11.20
CA ASN D 17 -37.66 -23.49 -11.46
C ASN D 17 -36.90 -22.18 -11.34
N ALA D 18 -37.50 -21.11 -11.87
CA ALA D 18 -36.87 -19.80 -11.80
C ALA D 18 -36.67 -19.43 -10.34
N VAL D 19 -37.67 -19.73 -9.51
CA VAL D 19 -37.61 -19.44 -8.08
C VAL D 19 -36.49 -20.23 -7.42
N LEU D 20 -36.44 -21.52 -7.74
CA LEU D 20 -35.43 -22.40 -7.18
C LEU D 20 -34.04 -21.83 -7.47
N LEU D 21 -33.79 -21.49 -8.73
CA LEU D 21 -32.51 -20.93 -9.15
C LEU D 21 -32.14 -19.71 -8.32
N ALA D 22 -33.10 -18.82 -8.12
CA ALA D 22 -32.87 -17.61 -7.35
C ALA D 22 -32.47 -17.98 -5.94
N VAL D 23 -33.18 -18.94 -5.37
CA VAL D 23 -32.90 -19.39 -4.01
C VAL D 23 -31.56 -20.10 -3.94
N LYS D 24 -31.25 -20.89 -4.97
CA LYS D 24 -30.00 -21.62 -5.01
C LYS D 24 -28.80 -20.70 -5.11
N GLU D 25 -28.98 -19.54 -5.75
CA GLU D 25 -27.90 -18.57 -5.89
C GLU D 25 -27.51 -18.07 -4.51
N VAL D 26 -28.51 -17.77 -3.70
CA VAL D 26 -28.27 -17.29 -2.34
C VAL D 26 -27.54 -18.36 -1.55
N GLU D 27 -27.87 -19.62 -1.85
CA GLU D 27 -27.27 -20.75 -1.16
C GLU D 27 -25.77 -20.84 -1.50
N ALA D 28 -25.44 -20.69 -2.78
CA ALA D 28 -24.06 -20.73 -3.22
C ALA D 28 -23.27 -19.54 -2.64
N LEU D 29 -23.89 -18.37 -2.60
CA LEU D 29 -23.22 -17.20 -2.05
C LEU D 29 -22.86 -17.54 -0.61
N LEU D 30 -23.76 -18.24 0.09
CA LEU D 30 -23.50 -18.63 1.46
C LEU D 30 -22.33 -19.63 1.49
N SER D 31 -22.28 -20.54 0.52
CA SER D 31 -21.20 -21.51 0.47
C SER D 31 -19.84 -20.83 0.35
N SER D 32 -19.77 -19.71 -0.37
CA SER D 32 -18.49 -19.01 -0.52
C SER D 32 -18.03 -18.45 0.82
N ILE D 33 -18.96 -17.97 1.65
CA ILE D 33 -18.57 -17.44 2.95
C ILE D 33 -18.05 -18.60 3.80
N ASP D 34 -18.66 -19.77 3.67
CA ASP D 34 -18.21 -20.94 4.42
C ASP D 34 -16.84 -21.39 3.93
N GLU D 35 -16.60 -21.28 2.62
CA GLU D 35 -15.34 -21.70 2.05
C GLU D 35 -14.20 -20.83 2.52
N ILE D 36 -14.36 -19.51 2.47
CA ILE D 36 -13.26 -18.65 2.91
C ILE D 36 -13.05 -18.72 4.43
N ALA D 37 -14.10 -19.01 5.19
CA ALA D 37 -13.97 -19.10 6.64
C ALA D 37 -13.16 -20.35 7.01
N ALA D 38 -13.43 -21.45 6.30
CA ALA D 38 -12.74 -22.71 6.56
C ALA D 38 -11.36 -22.84 5.94
N LYS D 39 -11.12 -22.17 4.83
CA LYS D 39 -9.83 -22.29 4.13
C LYS D 39 -8.91 -21.07 4.09
N ALA D 40 -9.48 -19.86 4.16
CA ALA D 40 -8.66 -18.66 4.05
C ALA D 40 -8.26 -17.91 5.31
N ILE D 41 -8.95 -18.14 6.41
CA ILE D 41 -8.58 -17.44 7.63
C ILE D 41 -7.15 -17.77 7.99
N GLY D 42 -6.37 -16.74 8.29
CA GLY D 42 -4.97 -16.93 8.66
C GLY D 42 -4.10 -17.54 7.58
N LYS D 43 -4.47 -17.34 6.32
CA LYS D 43 -3.71 -17.88 5.21
C LYS D 43 -3.24 -16.77 4.27
N LYS D 44 -2.50 -17.15 3.24
CA LYS D 44 -1.99 -16.21 2.24
C LYS D 44 -1.62 -17.03 1.02
N ILE D 45 -1.74 -16.44 -0.17
CA ILE D 45 -1.41 -17.15 -1.39
C ILE D 45 0.05 -17.61 -1.33
N HIS D 46 0.27 -18.85 -1.74
CA HIS D 46 1.60 -19.49 -1.77
C HIS D 46 1.83 -20.02 -3.19
N GLN D 47 2.99 -19.74 -3.77
CA GLN D 47 3.28 -20.15 -5.13
C GLN D 47 3.10 -21.63 -5.47
N ASN D 48 3.36 -22.51 -4.52
CA ASN D 48 3.25 -23.94 -4.80
C ASN D 48 2.06 -24.64 -4.16
N ASN D 49 1.80 -24.34 -2.90
CA ASN D 49 0.70 -24.98 -2.19
C ASN D 49 -0.62 -24.20 -2.23
N GLY D 50 -0.66 -23.10 -2.98
CA GLY D 50 -1.87 -22.32 -3.06
C GLY D 50 -2.07 -21.46 -1.84
N LEU D 51 -2.22 -22.08 -0.69
CA LEU D 51 -2.39 -21.35 0.56
C LEU D 51 -1.40 -21.79 1.62
N ASP D 52 -0.82 -20.82 2.30
CA ASP D 52 0.17 -21.05 3.36
C ASP D 52 -0.21 -20.20 4.57
N THR D 53 0.48 -20.40 5.69
CA THR D 53 0.17 -19.67 6.91
C THR D 53 0.56 -18.18 6.90
N GLU D 54 -0.33 -17.37 7.46
CA GLU D 54 -0.18 -15.93 7.59
C GLU D 54 -1.21 -15.50 8.64
N ASN D 55 -0.79 -15.53 9.91
CA ASN D 55 -1.66 -15.22 11.03
C ASN D 55 -2.05 -13.78 11.36
N ASN D 56 -3.31 -13.63 11.77
CA ASN D 56 -3.91 -12.38 12.24
C ASN D 56 -3.96 -11.11 11.38
N HIS D 57 -4.30 -11.26 10.11
CA HIS D 57 -4.41 -10.12 9.22
C HIS D 57 -5.64 -10.41 8.34
N ASN D 58 -6.71 -10.82 9.02
CA ASN D 58 -7.95 -11.20 8.36
C ASN D 58 -8.94 -10.06 8.11
N GLY D 59 -8.50 -8.82 8.27
CA GLY D 59 -9.39 -7.70 8.06
C GLY D 59 -10.03 -7.62 6.67
N SER D 60 -9.21 -7.65 5.63
CA SER D 60 -9.73 -7.58 4.27
C SER D 60 -10.63 -8.78 3.97
N LEU D 61 -10.29 -9.93 4.53
CA LEU D 61 -11.10 -11.13 4.31
C LEU D 61 -12.48 -10.97 4.94
N LEU D 62 -12.53 -10.32 6.10
CA LEU D 62 -13.80 -10.09 6.78
C LEU D 62 -14.62 -9.14 5.93
N ALA D 63 -13.95 -8.09 5.40
CA ALA D 63 -14.59 -7.10 4.55
C ALA D 63 -15.29 -7.81 3.40
N GLY D 64 -14.60 -8.80 2.84
CA GLY D 64 -15.18 -9.55 1.74
C GLY D 64 -16.43 -10.27 2.20
N ALA D 65 -16.33 -10.97 3.33
CA ALA D 65 -17.46 -11.70 3.88
C ALA D 65 -18.64 -10.75 4.01
N TYR D 66 -18.38 -9.58 4.58
CA TYR D 66 -19.42 -8.58 4.76
C TYR D 66 -20.08 -8.22 3.42
N ALA D 67 -19.25 -7.95 2.40
CA ALA D 67 -19.76 -7.59 1.09
C ALA D 67 -20.66 -8.70 0.57
N ILE D 68 -20.25 -9.93 0.79
CA ILE D 68 -21.04 -11.08 0.34
C ILE D 68 -22.38 -11.16 1.09
N SER D 69 -22.36 -10.82 2.38
CA SER D 69 -23.58 -10.87 3.18
C SER D 69 -24.57 -9.82 2.70
N THR D 70 -24.09 -8.62 2.38
CA THR D 70 -25.00 -7.58 1.90
C THR D 70 -25.53 -7.98 0.52
N LEU D 71 -24.73 -8.71 -0.26
CA LEU D 71 -25.18 -9.15 -1.57
C LEU D 71 -26.27 -10.20 -1.39
N ILE D 72 -26.11 -11.02 -0.35
CA ILE D 72 -27.09 -12.07 -0.06
C ILE D 72 -28.40 -11.43 0.36
N LYS D 73 -28.32 -10.39 1.17
CA LYS D 73 -29.50 -9.67 1.64
C LYS D 73 -30.22 -9.10 0.43
N GLN D 74 -29.45 -8.52 -0.47
CA GLN D 74 -29.98 -7.92 -1.69
C GLN D 74 -30.76 -8.97 -2.50
N LYS D 75 -30.15 -10.13 -2.68
CA LYS D 75 -30.78 -11.21 -3.44
C LYS D 75 -32.07 -11.71 -2.80
N LEU D 76 -32.08 -11.80 -1.48
CA LEU D 76 -33.26 -12.26 -0.76
C LEU D 76 -34.40 -11.25 -0.90
N ASP D 77 -34.07 -9.96 -0.83
CA ASP D 77 -35.07 -8.91 -0.97
C ASP D 77 -35.64 -8.92 -2.38
N GLY D 78 -34.89 -9.49 -3.32
CA GLY D 78 -35.35 -9.55 -4.69
C GLY D 78 -36.31 -10.70 -4.94
N LEU D 79 -36.39 -11.63 -3.99
CA LEU D 79 -37.29 -12.77 -4.10
C LEU D 79 -38.72 -12.39 -3.83
N LYS D 80 -39.59 -12.69 -4.80
CA LYS D 80 -41.01 -12.40 -4.67
C LYS D 80 -41.80 -13.67 -5.02
N ASN D 81 -42.45 -14.24 -4.02
CA ASN D 81 -43.23 -15.46 -4.23
C ASN D 81 -44.28 -15.65 -3.15
N GLU D 82 -45.53 -15.68 -3.58
CA GLU D 82 -46.67 -15.88 -2.69
C GLU D 82 -46.43 -16.98 -1.67
N GLY D 83 -46.30 -18.20 -2.15
CA GLY D 83 -46.11 -19.35 -1.28
C GLY D 83 -44.93 -19.32 -0.33
N LEU D 84 -43.75 -19.02 -0.85
CA LEU D 84 -42.54 -19.00 -0.02
C LEU D 84 -42.36 -17.72 0.79
N LYS D 85 -43.26 -16.76 0.62
CA LYS D 85 -43.17 -15.47 1.32
C LYS D 85 -42.76 -15.54 2.78
N GLU D 86 -43.41 -16.41 3.56
CA GLU D 86 -43.07 -16.51 4.97
C GLU D 86 -41.67 -17.02 5.23
N LYS D 87 -41.21 -17.96 4.41
CA LYS D 87 -39.87 -18.52 4.57
C LYS D 87 -38.80 -17.55 4.06
N ILE D 88 -39.20 -16.66 3.16
CA ILE D 88 -38.28 -15.68 2.61
C ILE D 88 -38.02 -14.60 3.66
N ASP D 89 -39.08 -14.12 4.28
CA ASP D 89 -38.97 -13.07 5.30
C ASP D 89 -38.18 -13.58 6.50
N ALA D 90 -38.18 -14.89 6.71
CA ALA D 90 -37.43 -15.49 7.81
C ALA D 90 -35.94 -15.39 7.49
N ALA D 91 -35.61 -15.66 6.23
CA ALA D 91 -34.23 -15.60 5.76
C ALA D 91 -33.74 -14.16 5.73
N LYS D 92 -34.59 -13.24 5.28
CA LYS D 92 -34.24 -11.83 5.23
C LYS D 92 -33.93 -11.33 6.63
N LYS D 93 -34.71 -11.78 7.60
CA LYS D 93 -34.51 -11.36 8.98
C LYS D 93 -33.18 -11.83 9.53
N CYS D 94 -32.91 -13.13 9.41
CA CYS D 94 -31.64 -13.68 9.91
C CYS D 94 -30.47 -13.04 9.15
N SER D 95 -30.69 -12.69 7.89
CA SER D 95 -29.66 -12.06 7.08
C SER D 95 -29.22 -10.73 7.70
N GLU D 96 -30.17 -9.88 8.05
CA GLU D 96 -29.85 -8.60 8.66
C GLU D 96 -29.18 -8.80 10.00
N THR D 97 -29.63 -9.82 10.74
CA THR D 97 -29.06 -10.10 12.04
C THR D 97 -27.57 -10.41 11.91
N PHE D 98 -27.23 -11.25 10.94
CA PHE D 98 -25.85 -11.61 10.71
C PHE D 98 -25.04 -10.38 10.32
N THR D 99 -25.50 -9.66 9.32
CA THR D 99 -24.81 -8.45 8.87
C THR D 99 -24.61 -7.45 10.02
N ASN D 100 -25.63 -7.29 10.86
CA ASN D 100 -25.54 -6.35 11.96
C ASN D 100 -24.62 -6.76 13.09
N LYS D 101 -24.43 -8.07 13.25
CA LYS D 101 -23.56 -8.56 14.31
C LYS D 101 -22.13 -8.17 13.90
N LEU D 102 -21.77 -8.42 12.64
CA LEU D 102 -20.44 -8.08 12.14
C LEU D 102 -20.16 -6.61 12.38
N LYS D 103 -21.12 -5.74 12.07
CA LYS D 103 -20.97 -4.30 12.28
C LYS D 103 -20.80 -4.03 13.77
N GLU D 104 -21.64 -4.65 14.59
CA GLU D 104 -21.56 -4.46 16.04
C GLU D 104 -20.17 -4.82 16.57
N LYS D 105 -19.56 -5.84 15.98
CA LYS D 105 -18.23 -6.27 16.41
C LYS D 105 -17.11 -5.53 15.67
N HIS D 106 -17.42 -4.34 15.18
CA HIS D 106 -16.48 -3.51 14.43
C HIS D 106 -15.10 -3.30 15.08
N THR D 107 -15.05 -3.27 16.40
CA THR D 107 -13.79 -3.08 17.10
C THR D 107 -12.83 -4.26 16.92
N ASP D 108 -13.40 -5.45 16.73
CA ASP D 108 -12.61 -6.67 16.56
C ASP D 108 -12.44 -7.06 15.09
N LEU D 109 -13.47 -6.79 14.30
CA LEU D 109 -13.46 -7.15 12.89
C LEU D 109 -13.16 -5.96 11.96
N GLY D 110 -13.31 -4.76 12.49
CA GLY D 110 -13.10 -3.56 11.68
C GLY D 110 -11.70 -2.98 11.66
N LYS D 111 -10.74 -3.79 11.21
CA LYS D 111 -9.34 -3.38 11.11
C LYS D 111 -8.59 -4.41 10.29
N GLU D 112 -7.37 -4.08 9.86
CA GLU D 112 -6.60 -5.01 9.04
C GLU D 112 -6.08 -6.21 9.83
N GLY D 113 -5.62 -5.95 11.05
CA GLY D 113 -5.08 -7.02 11.87
C GLY D 113 -6.08 -7.80 12.69
N VAL D 114 -7.11 -8.35 12.04
CA VAL D 114 -8.13 -9.16 12.72
C VAL D 114 -7.51 -10.52 13.01
N THR D 115 -7.57 -10.95 14.27
CA THR D 115 -7.01 -12.23 14.68
C THR D 115 -7.77 -13.40 14.06
N ASP D 116 -7.10 -14.54 13.95
CA ASP D 116 -7.72 -15.74 13.38
C ASP D 116 -8.86 -16.18 14.30
N ALA D 117 -8.62 -16.06 15.60
CA ALA D 117 -9.58 -16.43 16.62
C ALA D 117 -10.86 -15.64 16.47
N ASP D 118 -10.73 -14.34 16.30
CA ASP D 118 -11.90 -13.49 16.14
C ASP D 118 -12.60 -13.73 14.80
N ALA D 119 -11.81 -13.92 13.75
CA ALA D 119 -12.38 -14.17 12.43
C ALA D 119 -13.28 -15.38 12.49
N LYS D 120 -12.79 -16.45 13.12
CA LYS D 120 -13.54 -17.68 13.25
C LYS D 120 -14.84 -17.48 14.01
N GLU D 121 -14.82 -16.61 15.01
CA GLU D 121 -16.01 -16.34 15.80
C GLU D 121 -17.03 -15.53 15.02
N ALA D 122 -16.61 -14.99 13.88
CA ALA D 122 -17.52 -14.18 13.07
C ALA D 122 -18.09 -14.89 11.85
N ILE D 123 -17.29 -15.73 11.18
CA ILE D 123 -17.79 -16.39 9.97
C ILE D 123 -17.58 -17.91 9.87
N LEU D 124 -17.01 -18.53 10.89
CA LEU D 124 -16.81 -19.97 10.86
C LEU D 124 -17.91 -20.63 11.71
N LYS D 125 -18.99 -21.04 11.06
CA LYS D 125 -20.13 -21.63 11.75
C LYS D 125 -19.90 -22.92 12.53
N THR D 126 -18.77 -23.58 12.33
CA THR D 126 -18.48 -24.81 13.05
C THR D 126 -17.43 -24.60 14.14
N ASN D 127 -17.10 -23.34 14.41
CA ASN D 127 -16.10 -23.00 15.42
C ASN D 127 -16.61 -23.21 16.85
N GLY D 128 -15.70 -23.53 17.76
CA GLY D 128 -16.06 -23.75 19.14
C GLY D 128 -16.84 -22.59 19.74
N THR D 129 -16.43 -21.37 19.40
CA THR D 129 -17.11 -20.17 19.88
C THR D 129 -17.57 -19.35 18.68
N LYS D 130 -18.79 -18.84 18.74
CA LYS D 130 -19.35 -18.05 17.64
C LYS D 130 -19.98 -16.75 18.15
N THR D 131 -19.28 -16.04 19.03
CA THR D 131 -19.85 -14.82 19.61
C THR D 131 -19.73 -13.55 18.78
N LYS D 132 -19.10 -13.63 17.61
CA LYS D 132 -18.95 -12.43 16.79
C LYS D 132 -19.62 -12.49 15.42
N GLY D 133 -20.65 -13.32 15.28
CA GLY D 133 -21.37 -13.42 14.01
C GLY D 133 -21.60 -14.82 13.49
N ALA D 134 -20.74 -15.77 13.84
CA ALA D 134 -20.86 -17.14 13.36
C ALA D 134 -22.17 -17.80 13.81
N GLU D 135 -22.67 -17.42 14.98
CA GLU D 135 -23.92 -17.97 15.48
C GLU D 135 -25.02 -17.55 14.51
N GLU D 136 -25.08 -16.26 14.20
CA GLU D 136 -26.07 -15.73 13.29
C GLU D 136 -25.89 -16.26 11.86
N LEU D 137 -24.66 -16.60 11.50
CA LEU D 137 -24.43 -17.15 10.17
C LEU D 137 -25.05 -18.54 10.15
N GLY D 138 -24.83 -19.28 11.24
CA GLY D 138 -25.38 -20.63 11.35
C GLY D 138 -26.89 -20.66 11.18
N LYS D 139 -27.58 -19.73 11.83
CA LYS D 139 -29.04 -19.66 11.74
C LYS D 139 -29.47 -19.21 10.34
N LEU D 140 -28.69 -18.33 9.72
CA LEU D 140 -28.99 -17.87 8.37
C LEU D 140 -28.99 -19.07 7.42
N PHE D 141 -27.98 -19.92 7.57
CA PHE D 141 -27.89 -21.11 6.74
C PHE D 141 -29.15 -21.94 6.85
N GLU D 142 -29.52 -22.20 8.11
CA GLU D 142 -30.71 -22.96 8.44
C GLU D 142 -31.95 -22.36 7.77
N SER D 143 -32.10 -21.04 7.88
CA SER D 143 -33.24 -20.36 7.29
C SER D 143 -33.29 -20.56 5.78
N VAL D 144 -32.15 -20.34 5.13
CA VAL D 144 -32.09 -20.48 3.68
C VAL D 144 -32.32 -21.94 3.25
N GLU D 145 -31.76 -22.88 3.99
CA GLU D 145 -31.93 -24.29 3.66
C GLU D 145 -33.39 -24.69 3.71
N VAL D 146 -34.14 -24.09 4.63
CA VAL D 146 -35.57 -24.38 4.76
C VAL D 146 -36.28 -23.87 3.52
N LEU D 147 -35.93 -22.66 3.10
CA LEU D 147 -36.52 -22.04 1.92
C LEU D 147 -36.14 -22.85 0.68
N SER D 148 -34.96 -23.43 0.71
CA SER D 148 -34.47 -24.24 -0.40
C SER D 148 -35.29 -25.51 -0.52
N LYS D 149 -35.61 -26.11 0.63
CA LYS D 149 -36.42 -27.33 0.68
C LYS D 149 -37.75 -27.09 0.01
N ALA D 150 -38.47 -26.08 0.49
CA ALA D 150 -39.78 -25.72 -0.04
C ALA D 150 -39.73 -25.47 -1.55
N ALA D 151 -38.86 -24.56 -1.97
CA ALA D 151 -38.73 -24.22 -3.38
C ALA D 151 -38.40 -25.45 -4.22
N LYS D 152 -37.54 -26.32 -3.70
CA LYS D 152 -37.13 -27.52 -4.42
C LYS D 152 -38.29 -28.50 -4.64
N GLU D 153 -39.19 -28.58 -3.66
CA GLU D 153 -40.34 -29.47 -3.73
C GLU D 153 -41.44 -28.92 -4.62
N MET D 154 -41.64 -27.61 -4.61
CA MET D 154 -42.67 -27.01 -5.44
C MET D 154 -42.36 -27.34 -6.90
N LEU D 155 -41.08 -27.42 -7.22
CA LEU D 155 -40.66 -27.74 -8.59
C LEU D 155 -41.02 -29.18 -8.89
N ALA D 156 -40.70 -30.07 -7.95
CA ALA D 156 -41.00 -31.48 -8.11
C ALA D 156 -42.50 -31.70 -8.25
N ASN D 157 -43.29 -31.09 -7.37
CA ASN D 157 -44.75 -31.22 -7.43
C ASN D 157 -45.25 -30.85 -8.82
N SER D 158 -44.72 -29.74 -9.34
CA SER D 158 -45.11 -29.26 -10.66
C SER D 158 -44.69 -30.25 -11.75
N VAL D 159 -43.54 -30.89 -11.56
CA VAL D 159 -43.04 -31.85 -12.55
C VAL D 159 -43.72 -33.22 -12.44
N LYS D 160 -44.27 -33.52 -11.27
CA LYS D 160 -44.94 -34.80 -11.06
C LYS D 160 -46.38 -34.80 -11.56
N GLU D 161 -46.84 -33.65 -12.03
CA GLU D 161 -48.20 -33.53 -12.57
C GLU D 161 -48.24 -34.06 -13.99
N LEU D 162 -47.06 -34.35 -14.54
CA LEU D 162 -46.96 -34.87 -15.89
C LEU D 162 -47.11 -36.39 -15.87
N THR D 163 -47.21 -36.96 -14.68
CA THR D 163 -47.36 -38.40 -14.56
C THR D 163 -48.26 -38.80 -13.39
N SER D 164 -49.18 -37.91 -13.04
CA SER D 164 -50.11 -38.17 -11.95
C SER D 164 -51.44 -37.47 -12.22
N PRO D 165 -52.53 -38.00 -11.63
CA PRO D 165 -53.85 -37.40 -11.83
C PRO D 165 -53.93 -36.00 -11.21
MG MG E . -1.58 0.18 6.63
#